data_1I1P
# 
_entry.id   1I1P 
# 
_audit_conform.dict_name       mmcif_pdbx.dic 
_audit_conform.dict_version    5.386 
_audit_conform.dict_location   http://mmcif.pdb.org/dictionaries/ascii/mmcif_pdbx.dic 
# 
loop_
_database_2.database_id 
_database_2.database_code 
_database_2.pdbx_database_accession 
_database_2.pdbx_DOI 
PDB   1I1P         pdb_00001i1p 10.2210/pdb1i1p/pdb 
NDB   DD0038       ?            ?                   
RCSB  RCSB012793   ?            ?                   
WWPDB D_1000012793 ?            ?                   
# 
loop_
_pdbx_audit_revision_history.ordinal 
_pdbx_audit_revision_history.data_content_type 
_pdbx_audit_revision_history.major_revision 
_pdbx_audit_revision_history.minor_revision 
_pdbx_audit_revision_history.revision_date 
1 'Structure model' 1 0 2002-06-21 
2 'Structure model' 1 1 2008-04-27 
3 'Structure model' 1 2 2011-07-13 
4 'Structure model' 1 3 2024-02-07 
# 
_pdbx_audit_revision_details.ordinal             1 
_pdbx_audit_revision_details.revision_ordinal    1 
_pdbx_audit_revision_details.data_content_type   'Structure model' 
_pdbx_audit_revision_details.provider            repository 
_pdbx_audit_revision_details.type                'Initial release' 
_pdbx_audit_revision_details.description         ? 
_pdbx_audit_revision_details.details             ? 
# 
loop_
_pdbx_audit_revision_group.ordinal 
_pdbx_audit_revision_group.revision_ordinal 
_pdbx_audit_revision_group.data_content_type 
_pdbx_audit_revision_group.group 
1 2 'Structure model' 'Version format compliance' 
2 3 'Structure model' 'Non-polymer description'   
3 3 'Structure model' 'Version format compliance' 
4 4 'Structure model' 'Data collection'           
5 4 'Structure model' 'Database references'       
6 4 'Structure model' 'Derived calculations'      
# 
loop_
_pdbx_audit_revision_category.ordinal 
_pdbx_audit_revision_category.revision_ordinal 
_pdbx_audit_revision_category.data_content_type 
_pdbx_audit_revision_category.category 
1 4 'Structure model' chem_comp_atom 
2 4 'Structure model' chem_comp_bond 
3 4 'Structure model' database_2     
4 4 'Structure model' struct_conn    
5 4 'Structure model' struct_site    
# 
loop_
_pdbx_audit_revision_item.ordinal 
_pdbx_audit_revision_item.revision_ordinal 
_pdbx_audit_revision_item.data_content_type 
_pdbx_audit_revision_item.item 
1  4 'Structure model' '_database_2.pdbx_DOI'                
2  4 'Structure model' '_database_2.pdbx_database_accession' 
3  4 'Structure model' '_struct_conn.ptnr1_auth_asym_id'     
4  4 'Structure model' '_struct_conn.ptnr1_auth_comp_id'     
5  4 'Structure model' '_struct_conn.ptnr1_auth_seq_id'      
6  4 'Structure model' '_struct_conn.ptnr1_label_asym_id'    
7  4 'Structure model' '_struct_conn.ptnr1_label_atom_id'    
8  4 'Structure model' '_struct_conn.ptnr1_label_comp_id'    
9  4 'Structure model' '_struct_conn.ptnr1_label_seq_id'     
10 4 'Structure model' '_struct_conn.ptnr2_auth_asym_id'     
11 4 'Structure model' '_struct_conn.ptnr2_auth_comp_id'     
12 4 'Structure model' '_struct_conn.ptnr2_auth_seq_id'      
13 4 'Structure model' '_struct_conn.ptnr2_label_asym_id'    
14 4 'Structure model' '_struct_conn.ptnr2_label_atom_id'    
15 4 'Structure model' '_struct_conn.ptnr2_label_comp_id'    
16 4 'Structure model' '_struct_conn.ptnr2_label_seq_id'     
17 4 'Structure model' '_struct_site.pdbx_auth_asym_id'      
18 4 'Structure model' '_struct_site.pdbx_auth_comp_id'      
19 4 'Structure model' '_struct_site.pdbx_auth_seq_id'       
# 
_pdbx_database_status.status_code                     REL 
_pdbx_database_status.entry_id                        1I1P 
_pdbx_database_status.recvd_initial_deposition_date   2001-02-02 
_pdbx_database_status.deposit_site                    RCSB 
_pdbx_database_status.process_site                    RCSB 
_pdbx_database_status.status_code_sf                  REL 
_pdbx_database_status.SG_entry                        . 
_pdbx_database_status.status_code_mr                  ? 
_pdbx_database_status.pdb_format_compatible           Y 
_pdbx_database_status.status_code_cs                  ? 
_pdbx_database_status.status_code_nmr_data            ? 
_pdbx_database_status.methods_development_category    ? 
# 
loop_
_audit_author.name 
_audit_author.pdbx_ordinal 
'Coste, F.'   1 
'Shepard, W.' 2 
'Zelwer, C.'  3 
# 
loop_
_citation.id 
_citation.title 
_citation.journal_abbrev 
_citation.journal_volume 
_citation.page_first 
_citation.page_last 
_citation.year 
_citation.journal_id_ASTM 
_citation.country 
_citation.journal_id_ISSN 
_citation.journal_id_CSD 
_citation.book_publisher 
_citation.pdbx_database_id_PubMed 
_citation.pdbx_database_id_DOI 
primary 
;Description of ordered solvent molecules in a platinated decanucleotide duplex refined at 1.6A resolution against experimental MAD phases.
;
'Acta Crystallogr.,Sect.D' 58 431  440  2002 ABCRE6 DK 0907-4449 0766 ? 11856828 10.1107/S0907444901021709 
1       
;Crystal Structure of a Double-Stranded DNA Containing A Cisplatin Interstrand Cross-Link At 1.63 Angstrom Resolution: Hydration At The Platinated Site
;
'Nucleic Acids Res.'       27 1837 1846 1999 NARHAD UK 0305-1048 0389 ? ?        10.1093/nar/27.8.1837     
# 
loop_
_citation_author.citation_id 
_citation_author.name 
_citation_author.ordinal 
_citation_author.identifier_ORCID 
primary 'Coste, F.'     1  ? 
primary 'Shepard, W.'   2  ? 
primary 'Zelwer, C.'    3  ? 
1       'Coste, F.'     4  ? 
1       'Malinge, J.M.' 5  ? 
1       'Serre, L.'     6  ? 
1       'Shepard, W.'   7  ? 
1       'Roth, M.'      8  ? 
1       'Leng, M.'      9  ? 
1       'Zelwer, C.'    10 ? 
# 
loop_
_entity.id 
_entity.type 
_entity.src_method 
_entity.pdbx_description 
_entity.formula_weight 
_entity.pdbx_number_of_molecules 
_entity.pdbx_ec 
_entity.pdbx_mutation 
_entity.pdbx_fragment 
_entity.details 
1 polymer     syn "5'-D(*CP*CP*TP*CP*GP*CP*TP*CP*TP*C)-3'" 2931.917 1   ? ? ? ? 
2 polymer     syn "5'-D(*GP*AP*GP*AP*GP*CP*GP*AP*GP*G)-3'" 3159.079 1   ? ? ? ? 
3 non-polymer syn Cisplatin                                300.045  1   ? ? ? ? 
4 non-polymer syn SPERMINE                                 202.340  1   ? ? ? ? 
5 water       nat water                                    18.015   135 ? ? ? ? 
# 
loop_
_entity_poly.entity_id 
_entity_poly.type 
_entity_poly.nstd_linkage 
_entity_poly.nstd_monomer 
_entity_poly.pdbx_seq_one_letter_code 
_entity_poly.pdbx_seq_one_letter_code_can 
_entity_poly.pdbx_strand_id 
_entity_poly.pdbx_target_identifier 
1 polydeoxyribonucleotide no no '(DC)(DC)(DT)(DC)(DG)(DC)(DT)(DC)(DT)(DC)' CCTCGCTCTC A ? 
2 polydeoxyribonucleotide no no '(DG)(DA)(DG)(DA)(DG)(DC)(DG)(DA)(DG)(DG)' GAGAGCGAGG B ? 
# 
loop_
_pdbx_entity_nonpoly.entity_id 
_pdbx_entity_nonpoly.name 
_pdbx_entity_nonpoly.comp_id 
3 Cisplatin CPT 
4 SPERMINE  SPM 
5 water     HOH 
# 
loop_
_entity_poly_seq.entity_id 
_entity_poly_seq.num 
_entity_poly_seq.mon_id 
_entity_poly_seq.hetero 
1 1  DC n 
1 2  DC n 
1 3  DT n 
1 4  DC n 
1 5  DG n 
1 6  DC n 
1 7  DT n 
1 8  DC n 
1 9  DT n 
1 10 DC n 
2 1  DG n 
2 2  DA n 
2 3  DG n 
2 4  DA n 
2 5  DG n 
2 6  DC n 
2 7  DG n 
2 8  DA n 
2 9  DG n 
2 10 DG n 
# 
loop_
_chem_comp.id 
_chem_comp.type 
_chem_comp.mon_nstd_flag 
_chem_comp.name 
_chem_comp.pdbx_synonyms 
_chem_comp.formula 
_chem_comp.formula_weight 
CPT non-polymer   . Cisplatin                            'diammine(dichloro)platinum' 'Cl2 H6 N2 Pt'    300.045 
DA  'DNA linking' y "2'-DEOXYADENOSINE-5'-MONOPHOSPHATE" ?                            'C10 H14 N5 O6 P' 331.222 
DC  'DNA linking' y "2'-DEOXYCYTIDINE-5'-MONOPHOSPHATE"  ?                            'C9 H14 N3 O7 P'  307.197 
DG  'DNA linking' y "2'-DEOXYGUANOSINE-5'-MONOPHOSPHATE" ?                            'C10 H14 N5 O7 P' 347.221 
DT  'DNA linking' y "THYMIDINE-5'-MONOPHOSPHATE"         ?                            'C10 H15 N2 O8 P' 322.208 
HOH non-polymer   . WATER                                ?                            'H2 O'            18.015  
SPM non-polymer   . SPERMINE                             ?                            'C10 H26 N4'      202.340 
# 
loop_
_pdbx_poly_seq_scheme.asym_id 
_pdbx_poly_seq_scheme.entity_id 
_pdbx_poly_seq_scheme.seq_id 
_pdbx_poly_seq_scheme.mon_id 
_pdbx_poly_seq_scheme.ndb_seq_num 
_pdbx_poly_seq_scheme.pdb_seq_num 
_pdbx_poly_seq_scheme.auth_seq_num 
_pdbx_poly_seq_scheme.pdb_mon_id 
_pdbx_poly_seq_scheme.auth_mon_id 
_pdbx_poly_seq_scheme.pdb_strand_id 
_pdbx_poly_seq_scheme.pdb_ins_code 
_pdbx_poly_seq_scheme.hetero 
A 1 1  DC 1  1  1  DC C  A . n 
A 1 2  DC 2  2  2  DC C  A . n 
A 1 3  DT 3  3  3  DT T  A . n 
A 1 4  DC 4  4  4  DC C  A . n 
A 1 5  DG 5  5  5  DG +G A . n 
A 1 6  DC 6  6  6  DC C  A . n 
A 1 7  DT 7  7  7  DT T  A . n 
A 1 8  DC 8  8  8  DC C  A . n 
A 1 9  DT 9  9  9  DT T  A . n 
A 1 10 DC 10 10 10 DC C  A . n 
B 2 1  DG 1  11 11 DG G  B . n 
B 2 2  DA 2  12 12 DA A  B . n 
B 2 3  DG 3  13 13 DG G  B . n 
B 2 4  DA 4  14 14 DA A  B . n 
B 2 5  DG 5  15 15 DG +G B . n 
B 2 6  DC 6  16 16 DC C  B . n 
B 2 7  DG 7  17 17 DG G  B . n 
B 2 8  DA 8  18 18 DA A  B . n 
B 2 9  DG 9  19 19 DG G  B . n 
B 2 10 DG 10 20 20 DG G  B . n 
# 
loop_
_pdbx_nonpoly_scheme.asym_id 
_pdbx_nonpoly_scheme.entity_id 
_pdbx_nonpoly_scheme.mon_id 
_pdbx_nonpoly_scheme.ndb_seq_num 
_pdbx_nonpoly_scheme.pdb_seq_num 
_pdbx_nonpoly_scheme.auth_seq_num 
_pdbx_nonpoly_scheme.pdb_mon_id 
_pdbx_nonpoly_scheme.auth_mon_id 
_pdbx_nonpoly_scheme.pdb_strand_id 
_pdbx_nonpoly_scheme.pdb_ins_code 
C 3 CPT 1  221 221 CPT CPT A . 
D 4 SPM 1  222 222 SPM SPM B . 
E 5 HOH 1  222 2   HOH HOH A . 
E 5 HOH 2  223 3   HOH HOH A . 
E 5 HOH 3  224 4   HOH HOH A . 
E 5 HOH 4  225 5   HOH HOH A . 
E 5 HOH 5  226 7   HOH HOH A . 
E 5 HOH 6  227 11  HOH HOH A . 
E 5 HOH 7  228 13  HOH HOH A . 
E 5 HOH 8  229 15  HOH HOH A . 
E 5 HOH 9  230 19  HOH HOH A . 
E 5 HOH 10 231 20  HOH HOH A . 
E 5 HOH 11 232 22  HOH HOH A . 
E 5 HOH 12 233 23  HOH HOH A . 
E 5 HOH 13 234 24  HOH HOH A . 
E 5 HOH 14 235 28  HOH HOH A . 
E 5 HOH 15 236 29  HOH HOH A . 
E 5 HOH 16 237 34  HOH HOH A . 
E 5 HOH 17 238 35  HOH HOH A . 
E 5 HOH 18 239 36  HOH HOH A . 
E 5 HOH 19 240 37  HOH HOH A . 
E 5 HOH 20 241 41  HOH HOH A . 
E 5 HOH 21 242 42  HOH HOH A . 
E 5 HOH 22 243 44  HOH HOH A . 
E 5 HOH 23 244 45  HOH HOH A . 
E 5 HOH 24 245 46  HOH HOH A . 
E 5 HOH 25 246 47  HOH HOH A . 
E 5 HOH 26 247 48  HOH HOH A . 
E 5 HOH 27 248 53  HOH HOH A . 
E 5 HOH 28 249 55  HOH HOH A . 
E 5 HOH 29 250 56  HOH HOH A . 
E 5 HOH 30 251 57  HOH HOH A . 
E 5 HOH 31 252 59  HOH HOH A . 
E 5 HOH 32 253 60  HOH HOH A . 
E 5 HOH 33 254 63  HOH HOH A . 
E 5 HOH 34 255 69  HOH HOH A . 
E 5 HOH 35 256 73  HOH HOH A . 
E 5 HOH 36 257 75  HOH HOH A . 
E 5 HOH 37 258 78  HOH HOH A . 
E 5 HOH 38 259 84  HOH HOH A . 
E 5 HOH 39 260 85  HOH HOH A . 
E 5 HOH 40 261 87  HOH HOH A . 
E 5 HOH 41 262 88  HOH HOH A . 
E 5 HOH 42 263 94  HOH HOH A . 
E 5 HOH 43 264 97  HOH HOH A . 
E 5 HOH 44 265 99  HOH HOH A . 
E 5 HOH 45 266 102 HOH HOH A . 
E 5 HOH 46 267 108 HOH HOH A . 
E 5 HOH 47 268 110 HOH HOH A . 
E 5 HOH 48 269 117 HOH HOH A . 
E 5 HOH 49 270 120 HOH HOH A . 
E 5 HOH 50 271 123 HOH HOH A . 
E 5 HOH 51 272 129 HOH HOH A . 
E 5 HOH 52 273 132 HOH HOH A . 
E 5 HOH 53 274 135 HOH HOH A . 
E 5 HOH 54 275 139 HOH HOH A . 
F 5 HOH 1  223 6   HOH HOH B . 
F 5 HOH 2  224 8   HOH HOH B . 
F 5 HOH 3  225 9   HOH HOH B . 
F 5 HOH 4  226 10  HOH HOH B . 
F 5 HOH 5  227 12  HOH HOH B . 
F 5 HOH 6  228 14  HOH HOH B . 
F 5 HOH 7  229 16  HOH HOH B . 
F 5 HOH 8  230 17  HOH HOH B . 
F 5 HOH 9  231 18  HOH HOH B . 
F 5 HOH 10 232 21  HOH HOH B . 
F 5 HOH 11 233 25  HOH HOH B . 
F 5 HOH 12 234 26  HOH HOH B . 
F 5 HOH 13 235 27  HOH HOH B . 
F 5 HOH 14 236 30  HOH HOH B . 
F 5 HOH 15 237 31  HOH HOH B . 
F 5 HOH 16 238 32  HOH HOH B . 
F 5 HOH 17 239 33  HOH HOH B . 
F 5 HOH 18 240 38  HOH HOH B . 
F 5 HOH 19 241 39  HOH HOH B . 
F 5 HOH 20 242 40  HOH HOH B . 
F 5 HOH 21 243 43  HOH HOH B . 
F 5 HOH 22 244 49  HOH HOH B . 
F 5 HOH 23 245 50  HOH HOH B . 
F 5 HOH 24 246 51  HOH HOH B . 
F 5 HOH 25 247 52  HOH HOH B . 
F 5 HOH 26 248 54  HOH HOH B . 
F 5 HOH 27 249 58  HOH HOH B . 
F 5 HOH 28 250 61  HOH HOH B . 
F 5 HOH 29 251 62  HOH HOH B . 
F 5 HOH 30 252 64  HOH HOH B . 
F 5 HOH 31 253 65  HOH HOH B . 
F 5 HOH 32 254 66  HOH HOH B . 
F 5 HOH 33 255 67  HOH HOH B . 
F 5 HOH 34 256 68  HOH HOH B . 
F 5 HOH 35 257 70  HOH HOH B . 
F 5 HOH 36 258 71  HOH HOH B . 
F 5 HOH 37 259 72  HOH HOH B . 
F 5 HOH 38 260 74  HOH HOH B . 
F 5 HOH 39 261 76  HOH HOH B . 
F 5 HOH 40 262 77  HOH HOH B . 
F 5 HOH 41 263 79  HOH HOH B . 
F 5 HOH 42 264 80  HOH HOH B . 
F 5 HOH 43 265 81  HOH HOH B . 
F 5 HOH 44 266 82  HOH HOH B . 
F 5 HOH 45 267 83  HOH HOH B . 
F 5 HOH 46 268 86  HOH HOH B . 
F 5 HOH 47 269 89  HOH HOH B . 
F 5 HOH 48 270 90  HOH HOH B . 
F 5 HOH 49 271 91  HOH HOH B . 
F 5 HOH 50 272 92  HOH HOH B . 
F 5 HOH 51 273 93  HOH HOH B . 
F 5 HOH 52 274 95  HOH HOH B . 
F 5 HOH 53 275 96  HOH HOH B . 
F 5 HOH 54 276 98  HOH HOH B . 
F 5 HOH 55 277 100 HOH HOH B . 
F 5 HOH 56 278 101 HOH HOH B . 
F 5 HOH 57 279 103 HOH HOH B . 
F 5 HOH 58 280 105 HOH HOH B . 
F 5 HOH 59 281 106 HOH HOH B . 
F 5 HOH 60 282 107 HOH HOH B . 
F 5 HOH 61 283 109 HOH HOH B . 
F 5 HOH 62 284 111 HOH HOH B . 
F 5 HOH 63 285 112 HOH HOH B . 
F 5 HOH 64 286 113 HOH HOH B . 
F 5 HOH 65 287 114 HOH HOH B . 
F 5 HOH 66 288 115 HOH HOH B . 
F 5 HOH 67 289 116 HOH HOH B . 
F 5 HOH 68 290 118 HOH HOH B . 
F 5 HOH 69 291 119 HOH HOH B . 
F 5 HOH 70 292 121 HOH HOH B . 
F 5 HOH 71 293 124 HOH HOH B . 
F 5 HOH 72 294 125 HOH HOH B . 
F 5 HOH 73 295 126 HOH HOH B . 
F 5 HOH 74 296 127 HOH HOH B . 
F 5 HOH 75 297 128 HOH HOH B . 
F 5 HOH 76 298 130 HOH HOH B . 
F 5 HOH 77 299 131 HOH HOH B . 
F 5 HOH 78 300 133 HOH HOH B . 
F 5 HOH 79 301 134 HOH HOH B . 
F 5 HOH 80 302 136 HOH HOH B . 
F 5 HOH 81 303 138 HOH HOH B . 
# 
loop_
_pdbx_unobs_or_zero_occ_atoms.id 
_pdbx_unobs_or_zero_occ_atoms.PDB_model_num 
_pdbx_unobs_or_zero_occ_atoms.polymer_flag 
_pdbx_unobs_or_zero_occ_atoms.occupancy_flag 
_pdbx_unobs_or_zero_occ_atoms.auth_asym_id 
_pdbx_unobs_or_zero_occ_atoms.auth_comp_id 
_pdbx_unobs_or_zero_occ_atoms.auth_seq_id 
_pdbx_unobs_or_zero_occ_atoms.PDB_ins_code 
_pdbx_unobs_or_zero_occ_atoms.auth_atom_id 
_pdbx_unobs_or_zero_occ_atoms.label_alt_id 
_pdbx_unobs_or_zero_occ_atoms.label_asym_id 
_pdbx_unobs_or_zero_occ_atoms.label_comp_id 
_pdbx_unobs_or_zero_occ_atoms.label_seq_id 
_pdbx_unobs_or_zero_occ_atoms.label_atom_id 
1 1 N 1 B SPM 222 ? N1 ? D SPM 1 N1 
2 1 N 1 B SPM 222 ? C2 ? D SPM 1 C2 
# 
loop_
_software.name 
_software.classification 
_software.version 
_software.citation_id 
_software.pdbx_ordinal 
SHARP  phasing          .         ? 1 
REFMAC refinement       .         ? 2 
MOSFLM 'data reduction' .         ? 3 
CCP4   'data scaling'   '(SCALA)' ? 4 
# 
_cell.entry_id           1I1P 
_cell.length_a           42.890 
_cell.length_b           29.980 
_cell.length_c           46.570 
_cell.angle_alpha        90.00 
_cell.angle_beta         95.98 
_cell.angle_gamma        90.00 
_cell.Z_PDB              4 
_cell.pdbx_unique_axis   ? 
# 
_symmetry.entry_id                         1I1P 
_symmetry.space_group_name_H-M             'C 1 2 1' 
_symmetry.pdbx_full_space_group_name_H-M   ? 
_symmetry.cell_setting                     ? 
_symmetry.Int_Tables_number                5 
# 
_exptl.entry_id          1I1P 
_exptl.method            'X-RAY DIFFRACTION' 
_exptl.crystals_number   1 
# 
_exptl_crystal.id                    1 
_exptl_crystal.density_meas          ? 
_exptl_crystal.density_Matthews      2.34 
_exptl_crystal.density_percent_sol   47.43 
_exptl_crystal.description           ? 
# 
_exptl_crystal_grow.crystal_id      1 
_exptl_crystal_grow.method          'VAPOR DIFFUSION, HANGING DROP' 
_exptl_crystal_grow.temp            277 
_exptl_crystal_grow.temp_details    ? 
_exptl_crystal_grow.pH              6.2 
_exptl_crystal_grow.pdbx_details    
'sodium cacodylate, NaCl, KCl, spermine, MPD, pH 6.2, VAPOR DIFFUSION, HANGING DROP, temperature 277K' 
_exptl_crystal_grow.pdbx_pH_range   . 
# 
loop_
_exptl_crystal_grow_comp.crystal_id 
_exptl_crystal_grow_comp.id 
_exptl_crystal_grow_comp.sol_id 
_exptl_crystal_grow_comp.name 
_exptl_crystal_grow_comp.volume 
_exptl_crystal_grow_comp.conc 
_exptl_crystal_grow_comp.details 
1 1 1 'sodium cacodylate' ? ? ? 
1 2 1 NaCl                ? ? ? 
1 3 1 KCl                 ? ? ? 
1 4 1 spermine            ? ? ? 
1 5 1 MPD                 ? ? ? 
1 6 2 'sodium cacodylate' ? ? ? 
1 7 2 NaCl                ? ? ? 
1 8 2 KCl                 ? ? ? 
1 9 2 MPD                 ? ? ? 
# 
_diffrn.id                     1 
_diffrn.ambient_temp           100 
_diffrn.ambient_temp_details   ? 
_diffrn.crystal_id             1 
# 
_diffrn_detector.diffrn_id              1 
_diffrn_detector.detector               'IMAGE PLATE' 
_diffrn_detector.type                   MARRESEARCH 
_diffrn_detector.pdbx_collection_date   1997-11-01 
_diffrn_detector.details                ? 
# 
_diffrn_radiation.diffrn_id                        1 
_diffrn_radiation.wavelength_id                    1 
_diffrn_radiation.pdbx_monochromatic_or_laue_m_l   M 
_diffrn_radiation.monochromator                    'DOUBLE CRYSTAL' 
_diffrn_radiation.pdbx_diffrn_protocol             MAD 
_diffrn_radiation.pdbx_scattering_type             x-ray 
# 
loop_
_diffrn_radiation_wavelength.id 
_diffrn_radiation_wavelength.wavelength 
_diffrn_radiation_wavelength.wt 
1 1.0906 1.0 
2 1.0718 1.0 
3 1.0711 1.0 
4 1.0301 1.0 
# 
_diffrn_source.diffrn_id                   1 
_diffrn_source.source                      SYNCHROTRON 
_diffrn_source.type                        'LURE BEAMLINE DW21B' 
_diffrn_source.pdbx_synchrotron_site       LURE 
_diffrn_source.pdbx_synchrotron_beamline   DW21B 
_diffrn_source.pdbx_wavelength             ? 
_diffrn_source.pdbx_wavelength_list        1.0906,1.0718,1.0711,1.0301 
# 
_reflns.entry_id                     1I1P 
_reflns.observed_criterion_sigma_I   4 
_reflns.observed_criterion_sigma_F   1 
_reflns.d_resolution_low             20 
_reflns.d_resolution_high            1.63 
_reflns.number_obs                   7333 
_reflns.number_all                   7353 
_reflns.percent_possible_obs         93.1 
_reflns.pdbx_Rmerge_I_obs            0.0370000 
_reflns.pdbx_Rsym_value              ? 
_reflns.pdbx_netI_over_sigmaI        14 
_reflns.B_iso_Wilson_estimate        ? 
_reflns.pdbx_redundancy              3.5 
_reflns.R_free_details               ? 
_reflns.pdbx_ordinal                 1 
_reflns.pdbx_diffrn_id               1 
# 
_reflns_shell.d_res_high             1.63 
_reflns_shell.d_res_low              1.72 
_reflns_shell.percent_possible_all   97 
_reflns_shell.Rmerge_I_obs           0.0700000 
_reflns_shell.pdbx_Rsym_value        ? 
_reflns_shell.meanI_over_sigI_obs    ? 
_reflns_shell.pdbx_redundancy        3.4 
_reflns_shell.percent_possible_obs   ? 
_reflns_shell.number_unique_all      ? 
_reflns_shell.pdbx_ordinal           1 
_reflns_shell.pdbx_diffrn_id         1 
# 
_refine.entry_id                                 1I1P 
_refine.ls_number_reflns_obs                     7322 
_refine.ls_number_reflns_all                     7353 
_refine.pdbx_ls_sigma_I                          ? 
_refine.pdbx_ls_sigma_F                          ? 
_refine.pdbx_data_cutoff_high_absF               ? 
_refine.pdbx_data_cutoff_low_absF                ? 
_refine.ls_d_res_low                             20 
_refine.ls_d_res_high                            1.63 
_refine.ls_percent_reflns_obs                    ? 
_refine.ls_R_factor_obs                          ? 
_refine.ls_R_factor_all                          ? 
_refine.ls_R_factor_R_work                       0.1590000 
_refine.ls_R_factor_R_free                       0.1880000 
_refine.ls_R_factor_R_free_error                 ? 
_refine.ls_R_factor_R_free_error_details         ? 
_refine.ls_percent_reflns_R_free                 ? 
_refine.ls_number_reflns_R_free                  340 
_refine.ls_number_parameters                     ? 
_refine.ls_number_restraints                     ? 
_refine.occupancy_min                            ? 
_refine.occupancy_max                            ? 
_refine.B_iso_mean                               ? 
_refine.aniso_B[1][1]                            ? 
_refine.aniso_B[2][2]                            ? 
_refine.aniso_B[3][3]                            ? 
_refine.aniso_B[1][2]                            ? 
_refine.aniso_B[1][3]                            ? 
_refine.aniso_B[2][3]                            ? 
_refine.solvent_model_details                    ? 
_refine.solvent_model_param_ksol                 ? 
_refine.solvent_model_param_bsol                 ? 
_refine.pdbx_ls_cross_valid_method               ? 
_refine.details                                  ? 
_refine.pdbx_starting_model                      ? 
_refine.pdbx_method_to_determine_struct          MAD 
_refine.pdbx_isotropic_thermal_model             ? 
_refine.pdbx_stereochemistry_target_values       'Hendrikson & Konnert' 
_refine.pdbx_stereochem_target_val_spec_case     ? 
_refine.pdbx_R_Free_selection_details            RANDOM 
_refine.pdbx_overall_ESU_R_Free                  ? 
_refine.overall_SU_B                             ? 
_refine.ls_redundancy_reflns_obs                 ? 
_refine.correlation_coeff_Fo_to_Fc               ? 
_refine.overall_SU_R_Cruickshank_DPI             ? 
_refine.overall_SU_R_free                        ? 
_refine.overall_SU_ML                            ? 
_refine.pdbx_overall_ESU_R                       ? 
_refine.pdbx_data_cutoff_high_rms_absF           ? 
_refine.correlation_coeff_Fo_to_Fc_free          ? 
_refine.pdbx_solvent_vdw_probe_radii             ? 
_refine.pdbx_solvent_ion_probe_radii             ? 
_refine.pdbx_solvent_shrinkage_radii             ? 
_refine.pdbx_refine_id                           'X-RAY DIFFRACTION' 
_refine.pdbx_diffrn_id                           1 
_refine.pdbx_TLS_residual_ADP_flag               ? 
_refine.pdbx_overall_phase_error                 ? 
_refine.pdbx_overall_SU_R_free_Cruickshank_DPI   ? 
_refine.pdbx_overall_SU_R_Blow_DPI               ? 
_refine.pdbx_overall_SU_R_free_Blow_DPI          ? 
# 
_refine_hist.pdbx_refine_id                   'X-RAY DIFFRACTION' 
_refine_hist.cycle_id                         LAST 
_refine_hist.pdbx_number_atoms_protein        0 
_refine_hist.pdbx_number_atoms_nucleic_acid   404 
_refine_hist.pdbx_number_atoms_ligand         15 
_refine_hist.number_atoms_solvent             135 
_refine_hist.number_atoms_total               554 
_refine_hist.d_res_high                       1.63 
_refine_hist.d_res_low                        20 
# 
_struct.entry_id                  1I1P 
_struct.title                     
;REFINEMENT INCLUDING EXPERIMENTAL MAD PHASES ALLOWS AN EXHAUSTIVE STUDY OF ORDERED SOLVENT MOLECULES FOR A PLATINATED DECANUCLEOTIDE
;
_struct.pdbx_model_details        ? 
_struct.pdbx_CASP_flag            ? 
_struct.pdbx_model_type_details   ? 
# 
_struct_keywords.entry_id        1I1P 
_struct_keywords.pdbx_keywords   DNA 
_struct_keywords.text            'ANTITUMOR DRUG, CIS-DDP, INTERSTRAND CROSS-LINK, DEOXYRIBONUCLEIC ACID, SPERMINE, DNA' 
# 
loop_
_struct_asym.id 
_struct_asym.pdbx_blank_PDB_chainid_flag 
_struct_asym.pdbx_modified 
_struct_asym.entity_id 
_struct_asym.details 
A N N 1 ? 
B N N 2 ? 
C N N 3 ? 
D N N 4 ? 
E N N 5 ? 
F N N 5 ? 
# 
loop_
_struct_ref.id 
_struct_ref.entity_id 
_struct_ref.db_name 
_struct_ref.db_code 
_struct_ref.pdbx_db_accession 
_struct_ref.pdbx_db_isoform 
_struct_ref.pdbx_seq_one_letter_code 
_struct_ref.pdbx_align_begin 
1 1 PDB 1I1P 1I1P ? ? ? 
2 2 PDB 1I1P 1I1P ? ? ? 
# 
loop_
_struct_ref_seq.align_id 
_struct_ref_seq.ref_id 
_struct_ref_seq.pdbx_PDB_id_code 
_struct_ref_seq.pdbx_strand_id 
_struct_ref_seq.seq_align_beg 
_struct_ref_seq.pdbx_seq_align_beg_ins_code 
_struct_ref_seq.seq_align_end 
_struct_ref_seq.pdbx_seq_align_end_ins_code 
_struct_ref_seq.pdbx_db_accession 
_struct_ref_seq.db_align_beg 
_struct_ref_seq.pdbx_db_align_beg_ins_code 
_struct_ref_seq.db_align_end 
_struct_ref_seq.pdbx_db_align_end_ins_code 
_struct_ref_seq.pdbx_auth_seq_align_beg 
_struct_ref_seq.pdbx_auth_seq_align_end 
1 1 1I1P A 1 ? 10 ? 1I1P 1  ? 10 ? 1  10 
2 2 1I1P B 1 ? 10 ? 1I1P 11 ? 20 ? 11 20 
# 
_pdbx_struct_assembly.id                   1 
_pdbx_struct_assembly.details              author_defined_assembly 
_pdbx_struct_assembly.method_details       ? 
_pdbx_struct_assembly.oligomeric_details   dimeric 
_pdbx_struct_assembly.oligomeric_count     2 
# 
_pdbx_struct_assembly_gen.assembly_id       1 
_pdbx_struct_assembly_gen.oper_expression   1 
_pdbx_struct_assembly_gen.asym_id_list      A,B,C,D,E,F 
# 
_pdbx_struct_oper_list.id                   1 
_pdbx_struct_oper_list.type                 'identity operation' 
_pdbx_struct_oper_list.name                 1_555 
_pdbx_struct_oper_list.symmetry_operation   x,y,z 
_pdbx_struct_oper_list.matrix[1][1]         1.0000000000 
_pdbx_struct_oper_list.matrix[1][2]         0.0000000000 
_pdbx_struct_oper_list.matrix[1][3]         0.0000000000 
_pdbx_struct_oper_list.vector[1]            0.0000000000 
_pdbx_struct_oper_list.matrix[2][1]         0.0000000000 
_pdbx_struct_oper_list.matrix[2][2]         1.0000000000 
_pdbx_struct_oper_list.matrix[2][3]         0.0000000000 
_pdbx_struct_oper_list.vector[2]            0.0000000000 
_pdbx_struct_oper_list.matrix[3][1]         0.0000000000 
_pdbx_struct_oper_list.matrix[3][2]         0.0000000000 
_pdbx_struct_oper_list.matrix[3][3]         1.0000000000 
_pdbx_struct_oper_list.vector[3]            0.0000000000 
# 
_struct_biol.id                    1 
_struct_biol.pdbx_parent_biol_id   ? 
_struct_biol.details               ? 
# 
loop_
_struct_conn.id 
_struct_conn.conn_type_id 
_struct_conn.pdbx_leaving_atom_flag 
_struct_conn.pdbx_PDB_id 
_struct_conn.ptnr1_label_asym_id 
_struct_conn.ptnr1_label_comp_id 
_struct_conn.ptnr1_label_seq_id 
_struct_conn.ptnr1_label_atom_id 
_struct_conn.pdbx_ptnr1_label_alt_id 
_struct_conn.pdbx_ptnr1_PDB_ins_code 
_struct_conn.pdbx_ptnr1_standard_comp_id 
_struct_conn.ptnr1_symmetry 
_struct_conn.ptnr2_label_asym_id 
_struct_conn.ptnr2_label_comp_id 
_struct_conn.ptnr2_label_seq_id 
_struct_conn.ptnr2_label_atom_id 
_struct_conn.pdbx_ptnr2_label_alt_id 
_struct_conn.pdbx_ptnr2_PDB_ins_code 
_struct_conn.ptnr1_auth_asym_id 
_struct_conn.ptnr1_auth_comp_id 
_struct_conn.ptnr1_auth_seq_id 
_struct_conn.ptnr2_auth_asym_id 
_struct_conn.ptnr2_auth_comp_id 
_struct_conn.ptnr2_auth_seq_id 
_struct_conn.ptnr2_symmetry 
_struct_conn.pdbx_ptnr3_label_atom_id 
_struct_conn.pdbx_ptnr3_label_seq_id 
_struct_conn.pdbx_ptnr3_label_comp_id 
_struct_conn.pdbx_ptnr3_label_asym_id 
_struct_conn.pdbx_ptnr3_label_alt_id 
_struct_conn.pdbx_ptnr3_PDB_ins_code 
_struct_conn.details 
_struct_conn.pdbx_dist_value 
_struct_conn.pdbx_value_order 
_struct_conn.pdbx_role 
metalc1  metalc ? ? A DG  5  N7  ? ? ? 1_555 C CPT .  PT1 ? ? A DG  5   A CPT 221 1_555 ? ? ? ? ? ? ?            2.010 ? ? 
metalc2  metalc ? ? C CPT .  PT1 ? ? ? 1_555 B DG  5  N7  ? ? A CPT 221 B DG  15  1_555 ? ? ? ? ? ? ?            1.991 ? ? 
hydrog1  hydrog ? ? A DC  1  N3  ? ? ? 1_555 B DG  10 N1  ? ? A DC  1   B DG  20  1_555 ? ? ? ? ? ? WATSON-CRICK ?     ? ? 
hydrog2  hydrog ? ? A DC  1  N4  ? ? ? 1_555 B DG  10 O6  ? ? A DC  1   B DG  20  1_555 ? ? ? ? ? ? WATSON-CRICK ?     ? ? 
hydrog3  hydrog ? ? A DC  1  O2  ? ? ? 1_555 B DG  10 N2  ? ? A DC  1   B DG  20  1_555 ? ? ? ? ? ? WATSON-CRICK ?     ? ? 
hydrog4  hydrog ? ? A DC  2  N3  ? ? ? 1_555 B DG  9  N1  ? ? A DC  2   B DG  19  1_555 ? ? ? ? ? ? WATSON-CRICK ?     ? ? 
hydrog5  hydrog ? ? A DC  2  N4  ? ? ? 1_555 B DG  9  O6  ? ? A DC  2   B DG  19  1_555 ? ? ? ? ? ? WATSON-CRICK ?     ? ? 
hydrog6  hydrog ? ? A DC  2  O2  ? ? ? 1_555 B DG  9  N2  ? ? A DC  2   B DG  19  1_555 ? ? ? ? ? ? WATSON-CRICK ?     ? ? 
hydrog7  hydrog ? ? A DT  3  N3  ? ? ? 1_555 B DA  8  N1  ? ? A DT  3   B DA  18  1_555 ? ? ? ? ? ? WATSON-CRICK ?     ? ? 
hydrog8  hydrog ? ? A DT  3  O4  ? ? ? 1_555 B DA  8  N6  ? ? A DT  3   B DA  18  1_555 ? ? ? ? ? ? WATSON-CRICK ?     ? ? 
hydrog9  hydrog ? ? A DC  4  N3  ? ? ? 1_555 B DG  7  N1  ? ? A DC  4   B DG  17  1_555 ? ? ? ? ? ? WATSON-CRICK ?     ? ? 
hydrog10 hydrog ? ? A DC  4  N4  ? ? ? 1_555 B DG  7  O6  ? ? A DC  4   B DG  17  1_555 ? ? ? ? ? ? WATSON-CRICK ?     ? ? 
hydrog11 hydrog ? ? A DC  4  O2  ? ? ? 1_555 B DG  7  N2  ? ? A DC  4   B DG  17  1_555 ? ? ? ? ? ? WATSON-CRICK ?     ? ? 
hydrog12 hydrog ? ? A DT  7  N3  ? ? ? 1_555 B DA  4  N1  ? ? A DT  7   B DA  14  1_555 ? ? ? ? ? ? WATSON-CRICK ?     ? ? 
hydrog13 hydrog ? ? A DT  7  O4  ? ? ? 1_555 B DA  4  N6  ? ? A DT  7   B DA  14  1_555 ? ? ? ? ? ? WATSON-CRICK ?     ? ? 
hydrog14 hydrog ? ? A DC  8  N3  ? ? ? 1_555 B DG  3  N1  ? ? A DC  8   B DG  13  1_555 ? ? ? ? ? ? WATSON-CRICK ?     ? ? 
hydrog15 hydrog ? ? A DC  8  N4  ? ? ? 1_555 B DG  3  O6  ? ? A DC  8   B DG  13  1_555 ? ? ? ? ? ? WATSON-CRICK ?     ? ? 
hydrog16 hydrog ? ? A DC  8  O2  ? ? ? 1_555 B DG  3  N2  ? ? A DC  8   B DG  13  1_555 ? ? ? ? ? ? WATSON-CRICK ?     ? ? 
hydrog17 hydrog ? ? A DT  9  N3  ? ? ? 1_555 B DA  2  N1  ? ? A DT  9   B DA  12  1_555 ? ? ? ? ? ? WATSON-CRICK ?     ? ? 
hydrog18 hydrog ? ? A DT  9  O4  ? ? ? 1_555 B DA  2  N6  ? ? A DT  9   B DA  12  1_555 ? ? ? ? ? ? WATSON-CRICK ?     ? ? 
hydrog19 hydrog ? ? A DC  10 N3  ? ? ? 1_555 B DG  1  N1  ? ? A DC  10  B DG  11  1_555 ? ? ? ? ? ? WATSON-CRICK ?     ? ? 
hydrog20 hydrog ? ? A DC  10 N4  ? ? ? 1_555 B DG  1  O6  ? ? A DC  10  B DG  11  1_555 ? ? ? ? ? ? WATSON-CRICK ?     ? ? 
hydrog21 hydrog ? ? A DC  10 O2  ? ? ? 1_555 B DG  1  N2  ? ? A DC  10  B DG  11  1_555 ? ? ? ? ? ? WATSON-CRICK ?     ? ? 
# 
loop_
_struct_conn_type.id 
_struct_conn_type.criteria 
_struct_conn_type.reference 
metalc ? ? 
hydrog ? ? 
# 
loop_
_pdbx_struct_conn_angle.id 
_pdbx_struct_conn_angle.ptnr1_label_atom_id 
_pdbx_struct_conn_angle.ptnr1_label_alt_id 
_pdbx_struct_conn_angle.ptnr1_label_asym_id 
_pdbx_struct_conn_angle.ptnr1_label_comp_id 
_pdbx_struct_conn_angle.ptnr1_label_seq_id 
_pdbx_struct_conn_angle.ptnr1_auth_atom_id 
_pdbx_struct_conn_angle.ptnr1_auth_asym_id 
_pdbx_struct_conn_angle.ptnr1_auth_comp_id 
_pdbx_struct_conn_angle.ptnr1_auth_seq_id 
_pdbx_struct_conn_angle.ptnr1_PDB_ins_code 
_pdbx_struct_conn_angle.ptnr1_symmetry 
_pdbx_struct_conn_angle.ptnr2_label_atom_id 
_pdbx_struct_conn_angle.ptnr2_label_alt_id 
_pdbx_struct_conn_angle.ptnr2_label_asym_id 
_pdbx_struct_conn_angle.ptnr2_label_comp_id 
_pdbx_struct_conn_angle.ptnr2_label_seq_id 
_pdbx_struct_conn_angle.ptnr2_auth_atom_id 
_pdbx_struct_conn_angle.ptnr2_auth_asym_id 
_pdbx_struct_conn_angle.ptnr2_auth_comp_id 
_pdbx_struct_conn_angle.ptnr2_auth_seq_id 
_pdbx_struct_conn_angle.ptnr2_PDB_ins_code 
_pdbx_struct_conn_angle.ptnr2_symmetry 
_pdbx_struct_conn_angle.ptnr3_label_atom_id 
_pdbx_struct_conn_angle.ptnr3_label_alt_id 
_pdbx_struct_conn_angle.ptnr3_label_asym_id 
_pdbx_struct_conn_angle.ptnr3_label_comp_id 
_pdbx_struct_conn_angle.ptnr3_label_seq_id 
_pdbx_struct_conn_angle.ptnr3_auth_atom_id 
_pdbx_struct_conn_angle.ptnr3_auth_asym_id 
_pdbx_struct_conn_angle.ptnr3_auth_comp_id 
_pdbx_struct_conn_angle.ptnr3_auth_seq_id 
_pdbx_struct_conn_angle.ptnr3_PDB_ins_code 
_pdbx_struct_conn_angle.ptnr3_symmetry 
_pdbx_struct_conn_angle.value 
_pdbx_struct_conn_angle.value_esd 
1 N7 ? A DG  5 ? A DG  5   ? 1_555 PT1 ? C CPT . ? A CPT 221 ? 1_555 N1 ? C CPT . ? A CPT 221 ? 1_555 90.5  ? 
2 N7 ? A DG  5 ? A DG  5   ? 1_555 PT1 ? C CPT . ? A CPT 221 ? 1_555 N2 ? C CPT . ? A CPT 221 ? 1_555 174.5 ? 
3 N1 ? C CPT . ? A CPT 221 ? 1_555 PT1 ? C CPT . ? A CPT 221 ? 1_555 N2 ? C CPT . ? A CPT 221 ? 1_555 85.3  ? 
4 N7 ? A DG  5 ? A DG  5   ? 1_555 PT1 ? C CPT . ? A CPT 221 ? 1_555 N7 ? B DG  5 ? B DG  15  ? 1_555 86.4  ? 
5 N1 ? C CPT . ? A CPT 221 ? 1_555 PT1 ? C CPT . ? A CPT 221 ? 1_555 N7 ? B DG  5 ? B DG  15  ? 1_555 176.5 ? 
6 N2 ? C CPT . ? A CPT 221 ? 1_555 PT1 ? C CPT . ? A CPT 221 ? 1_555 N7 ? B DG  5 ? B DG  15  ? 1_555 97.8  ? 
# 
loop_
_struct_site.id 
_struct_site.pdbx_evidence_code 
_struct_site.pdbx_auth_asym_id 
_struct_site.pdbx_auth_comp_id 
_struct_site.pdbx_auth_seq_id 
_struct_site.pdbx_auth_ins_code 
_struct_site.pdbx_num_residues 
_struct_site.details 
AC1 Software A CPT 221 ? 8 'BINDING SITE FOR RESIDUE CPT A 221' 
AC2 Software B SPM 222 ? 6 'BINDING SITE FOR RESIDUE SPM B 222' 
1   ?        ? ?   ?   ? ? ?                                    
# 
loop_
_struct_site_gen.id 
_struct_site_gen.site_id 
_struct_site_gen.pdbx_num_res 
_struct_site_gen.label_comp_id 
_struct_site_gen.label_asym_id 
_struct_site_gen.label_seq_id 
_struct_site_gen.pdbx_auth_ins_code 
_struct_site_gen.auth_comp_id 
_struct_site_gen.auth_asym_id 
_struct_site_gen.auth_seq_id 
_struct_site_gen.label_atom_id 
_struct_site_gen.label_alt_id 
_struct_site_gen.symmetry 
_struct_site_gen.details 
1  AC1 8 DG  A 5 ? DG  A 5   . ? 1_555 ? 
2  AC1 8 DT  A 7 ? DT  A 7   . ? 1_555 ? 
3  AC1 8 DC  A 8 ? DC  A 8   . ? 1_555 ? 
4  AC1 8 HOH E . ? HOH A 235 . ? 1_555 ? 
5  AC1 8 HOH E . ? HOH A 249 . ? 1_555 ? 
6  AC1 8 HOH E . ? HOH A 259 . ? 1_555 ? 
7  AC1 8 DG  B 5 ? DG  B 15  . ? 1_555 ? 
8  AC1 8 HOH F . ? HOH B 233 . ? 1_555 ? 
9  AC2 6 DC  A 2 ? DC  A 2   . ? 4_557 ? 
10 AC2 6 DT  A 3 ? DT  A 3   . ? 4_557 ? 
11 AC2 6 DC  B 6 ? DC  B 16  . ? 1_555 ? 
12 AC2 6 DG  B 7 ? DG  B 17  . ? 1_555 ? 
13 AC2 6 HOH F . ? HOH B 263 . ? 1_555 ? 
14 AC2 6 HOH F . ? HOH B 269 . ? 1_555 ? 
# 
_pdbx_validate_close_contact.id               1 
_pdbx_validate_close_contact.PDB_model_num    1 
_pdbx_validate_close_contact.auth_atom_id_1   O 
_pdbx_validate_close_contact.auth_asym_id_1   A 
_pdbx_validate_close_contact.auth_comp_id_1   HOH 
_pdbx_validate_close_contact.auth_seq_id_1    263 
_pdbx_validate_close_contact.PDB_ins_code_1   ? 
_pdbx_validate_close_contact.label_alt_id_1   ? 
_pdbx_validate_close_contact.auth_atom_id_2   O 
_pdbx_validate_close_contact.auth_asym_id_2   A 
_pdbx_validate_close_contact.auth_comp_id_2   HOH 
_pdbx_validate_close_contact.auth_seq_id_2    272 
_pdbx_validate_close_contact.PDB_ins_code_2   ? 
_pdbx_validate_close_contact.label_alt_id_2   ? 
_pdbx_validate_close_contact.dist             2.11 
# 
loop_
_pdbx_validate_rmsd_angle.id 
_pdbx_validate_rmsd_angle.PDB_model_num 
_pdbx_validate_rmsd_angle.auth_atom_id_1 
_pdbx_validate_rmsd_angle.auth_asym_id_1 
_pdbx_validate_rmsd_angle.auth_comp_id_1 
_pdbx_validate_rmsd_angle.auth_seq_id_1 
_pdbx_validate_rmsd_angle.PDB_ins_code_1 
_pdbx_validate_rmsd_angle.label_alt_id_1 
_pdbx_validate_rmsd_angle.auth_atom_id_2 
_pdbx_validate_rmsd_angle.auth_asym_id_2 
_pdbx_validate_rmsd_angle.auth_comp_id_2 
_pdbx_validate_rmsd_angle.auth_seq_id_2 
_pdbx_validate_rmsd_angle.PDB_ins_code_2 
_pdbx_validate_rmsd_angle.label_alt_id_2 
_pdbx_validate_rmsd_angle.auth_atom_id_3 
_pdbx_validate_rmsd_angle.auth_asym_id_3 
_pdbx_validate_rmsd_angle.auth_comp_id_3 
_pdbx_validate_rmsd_angle.auth_seq_id_3 
_pdbx_validate_rmsd_angle.PDB_ins_code_3 
_pdbx_validate_rmsd_angle.label_alt_id_3 
_pdbx_validate_rmsd_angle.angle_value 
_pdbx_validate_rmsd_angle.angle_target_value 
_pdbx_validate_rmsd_angle.angle_deviation 
_pdbx_validate_rmsd_angle.angle_standard_deviation 
_pdbx_validate_rmsd_angle.linker_flag 
1  1 "O5'" A DC 1  ? ? "C5'" A DC 1  ? ? "C4'" A DC 1  ? ? 104.48 109.40 -4.92 0.80 N 
2  1 "O4'" A DC 1  ? ? "C4'" A DC 1  ? ? "C3'" A DC 1  ? ? 101.52 104.50 -2.98 0.40 N 
3  1 N3    A DC 2  ? ? C4    A DC 2  ? ? N4    A DC 2  ? ? 122.99 118.00 4.99  0.70 N 
4  1 "O3'" A DT 3  ? ? P     A DC 4  ? ? OP2   A DC 4  ? ? 130.06 110.50 19.56 1.10 Y 
5  1 "O5'" A DG 5  ? ? "C5'" A DG 5  ? ? "C4'" A DG 5  ? ? 102.62 109.40 -6.78 0.80 N 
6  1 C4    A DG 5  ? ? C5    A DG 5  ? ? N7    A DG 5  ? ? 108.17 110.80 -2.63 0.40 N 
7  1 N9    A DG 5  ? ? C4    A DG 5  ? ? C5    A DG 5  ? ? 108.14 105.40 2.74  0.40 N 
8  1 N1    A DG 5  ? ? C6    A DG 5  ? ? O6    A DG 5  ? ? 115.97 119.90 -3.93 0.60 N 
9  1 C6    A DT 7  ? ? N1    A DT 7  ? ? C2    A DT 7  ? ? 124.45 121.30 3.15  0.50 N 
10 1 C5    A DT 7  ? ? C6    A DT 7  ? ? N1    A DT 7  ? ? 118.97 123.70 -4.73 0.60 N 
11 1 "O3'" A DT 7  ? ? P     A DC 8  ? ? OP2   A DC 8  ? ? 118.11 110.50 7.61  1.10 Y 
12 1 "O4'" A DC 8  ? ? "C1'" A DC 8  ? ? N1    A DC 8  ? ? 103.14 108.00 -4.86 0.70 N 
13 1 "O3'" A DC 8  ? ? P     A DT 9  ? ? OP2   A DT 9  ? ? 118.30 110.50 7.80  1.10 Y 
14 1 "O3'" A DT 9  ? ? P     A DC 10 ? ? OP2   A DC 10 ? ? 121.28 110.50 10.78 1.10 Y 
15 1 "C3'" B DA 12 ? ? "C2'" B DA 12 ? ? "C1'" B DA 12 ? ? 96.48  102.40 -5.92 0.80 N 
16 1 C6    B DA 12 ? ? N1    B DA 12 ? ? C2    B DA 12 ? ? 124.16 118.60 5.56  0.60 N 
17 1 N1    B DA 12 ? ? C2    B DA 12 ? ? N3    B DA 12 ? ? 124.44 129.30 -4.86 0.50 N 
18 1 N1    B DA 12 ? ? C6    B DA 12 ? ? N6    B DA 12 ? ? 122.35 118.60 3.75  0.60 N 
19 1 OP1   B DA 14 ? ? P     B DA 14 ? ? OP2   B DA 14 ? ? 129.42 119.60 9.82  1.50 N 
20 1 "O5'" B DG 15 ? ? "C5'" B DG 15 ? ? "C4'" B DG 15 ? ? 104.28 109.40 -5.12 0.80 N 
21 1 "O4'" B DG 17 ? ? "C1'" B DG 17 ? ? N9    B DG 17 ? ? 102.54 108.00 -5.46 0.70 N 
22 1 "O4'" B DA 18 ? ? "C1'" B DA 18 ? ? N9    B DA 18 ? ? 111.39 108.30 3.09  0.30 N 
# 
_struct_site_keywords.site_id   1 
_struct_site_keywords.text      'COVALENT PT-N BONDS' 
# 
loop_
_chem_comp_atom.comp_id 
_chem_comp_atom.atom_id 
_chem_comp_atom.type_symbol 
_chem_comp_atom.pdbx_aromatic_flag 
_chem_comp_atom.pdbx_stereo_config 
_chem_comp_atom.pdbx_ordinal 
CPT PT1    PT N N 1   
CPT N1     N  N N 2   
CPT N2     N  N N 3   
CPT H11    H  N N 4   
CPT H12    H  N N 5   
CPT H21    H  N N 6   
CPT H22    H  N N 7   
CPT CL2    CL N N 8   
CPT CL1    CL N N 9   
CPT H13    H  N N 10  
CPT H23    H  N N 11  
DA  OP3    O  N N 12  
DA  P      P  N N 13  
DA  OP1    O  N N 14  
DA  OP2    O  N N 15  
DA  "O5'"  O  N N 16  
DA  "C5'"  C  N N 17  
DA  "C4'"  C  N R 18  
DA  "O4'"  O  N N 19  
DA  "C3'"  C  N S 20  
DA  "O3'"  O  N N 21  
DA  "C2'"  C  N N 22  
DA  "C1'"  C  N R 23  
DA  N9     N  Y N 24  
DA  C8     C  Y N 25  
DA  N7     N  Y N 26  
DA  C5     C  Y N 27  
DA  C6     C  Y N 28  
DA  N6     N  N N 29  
DA  N1     N  Y N 30  
DA  C2     C  Y N 31  
DA  N3     N  Y N 32  
DA  C4     C  Y N 33  
DA  HOP3   H  N N 34  
DA  HOP2   H  N N 35  
DA  "H5'"  H  N N 36  
DA  "H5''" H  N N 37  
DA  "H4'"  H  N N 38  
DA  "H3'"  H  N N 39  
DA  "HO3'" H  N N 40  
DA  "H2'"  H  N N 41  
DA  "H2''" H  N N 42  
DA  "H1'"  H  N N 43  
DA  H8     H  N N 44  
DA  H61    H  N N 45  
DA  H62    H  N N 46  
DA  H2     H  N N 47  
DC  OP3    O  N N 48  
DC  P      P  N N 49  
DC  OP1    O  N N 50  
DC  OP2    O  N N 51  
DC  "O5'"  O  N N 52  
DC  "C5'"  C  N N 53  
DC  "C4'"  C  N R 54  
DC  "O4'"  O  N N 55  
DC  "C3'"  C  N S 56  
DC  "O3'"  O  N N 57  
DC  "C2'"  C  N N 58  
DC  "C1'"  C  N R 59  
DC  N1     N  N N 60  
DC  C2     C  N N 61  
DC  O2     O  N N 62  
DC  N3     N  N N 63  
DC  C4     C  N N 64  
DC  N4     N  N N 65  
DC  C5     C  N N 66  
DC  C6     C  N N 67  
DC  HOP3   H  N N 68  
DC  HOP2   H  N N 69  
DC  "H5'"  H  N N 70  
DC  "H5''" H  N N 71  
DC  "H4'"  H  N N 72  
DC  "H3'"  H  N N 73  
DC  "HO3'" H  N N 74  
DC  "H2'"  H  N N 75  
DC  "H2''" H  N N 76  
DC  "H1'"  H  N N 77  
DC  H41    H  N N 78  
DC  H42    H  N N 79  
DC  H5     H  N N 80  
DC  H6     H  N N 81  
DG  OP3    O  N N 82  
DG  P      P  N N 83  
DG  OP1    O  N N 84  
DG  OP2    O  N N 85  
DG  "O5'"  O  N N 86  
DG  "C5'"  C  N N 87  
DG  "C4'"  C  N R 88  
DG  "O4'"  O  N N 89  
DG  "C3'"  C  N S 90  
DG  "O3'"  O  N N 91  
DG  "C2'"  C  N N 92  
DG  "C1'"  C  N R 93  
DG  N9     N  Y N 94  
DG  C8     C  Y N 95  
DG  N7     N  Y N 96  
DG  C5     C  Y N 97  
DG  C6     C  N N 98  
DG  O6     O  N N 99  
DG  N1     N  N N 100 
DG  C2     C  N N 101 
DG  N2     N  N N 102 
DG  N3     N  N N 103 
DG  C4     C  Y N 104 
DG  HOP3   H  N N 105 
DG  HOP2   H  N N 106 
DG  "H5'"  H  N N 107 
DG  "H5''" H  N N 108 
DG  "H4'"  H  N N 109 
DG  "H3'"  H  N N 110 
DG  "HO3'" H  N N 111 
DG  "H2'"  H  N N 112 
DG  "H2''" H  N N 113 
DG  "H1'"  H  N N 114 
DG  H8     H  N N 115 
DG  H1     H  N N 116 
DG  H21    H  N N 117 
DG  H22    H  N N 118 
DT  OP3    O  N N 119 
DT  P      P  N N 120 
DT  OP1    O  N N 121 
DT  OP2    O  N N 122 
DT  "O5'"  O  N N 123 
DT  "C5'"  C  N N 124 
DT  "C4'"  C  N R 125 
DT  "O4'"  O  N N 126 
DT  "C3'"  C  N S 127 
DT  "O3'"  O  N N 128 
DT  "C2'"  C  N N 129 
DT  "C1'"  C  N R 130 
DT  N1     N  N N 131 
DT  C2     C  N N 132 
DT  O2     O  N N 133 
DT  N3     N  N N 134 
DT  C4     C  N N 135 
DT  O4     O  N N 136 
DT  C5     C  N N 137 
DT  C7     C  N N 138 
DT  C6     C  N N 139 
DT  HOP3   H  N N 140 
DT  HOP2   H  N N 141 
DT  "H5'"  H  N N 142 
DT  "H5''" H  N N 143 
DT  "H4'"  H  N N 144 
DT  "H3'"  H  N N 145 
DT  "HO3'" H  N N 146 
DT  "H2'"  H  N N 147 
DT  "H2''" H  N N 148 
DT  "H1'"  H  N N 149 
DT  H3     H  N N 150 
DT  H71    H  N N 151 
DT  H72    H  N N 152 
DT  H73    H  N N 153 
DT  H6     H  N N 154 
HOH O      O  N N 155 
HOH H1     H  N N 156 
HOH H2     H  N N 157 
SPM N1     N  N N 158 
SPM C2     C  N N 159 
SPM C3     C  N N 160 
SPM C4     C  N N 161 
SPM N5     N  N N 162 
SPM C6     C  N N 163 
SPM C7     C  N N 164 
SPM C8     C  N N 165 
SPM C9     C  N N 166 
SPM N10    N  N N 167 
SPM C11    C  N N 168 
SPM C12    C  N N 169 
SPM C13    C  N N 170 
SPM N14    N  N N 171 
SPM HN11   H  N N 172 
SPM HN12   H  N N 173 
SPM H21    H  N N 174 
SPM H22    H  N N 175 
SPM H31    H  N N 176 
SPM H32    H  N N 177 
SPM H41    H  N N 178 
SPM H42    H  N N 179 
SPM HN5    H  N N 180 
SPM H61    H  N N 181 
SPM H62    H  N N 182 
SPM H71    H  N N 183 
SPM H72    H  N N 184 
SPM H81    H  N N 185 
SPM H82    H  N N 186 
SPM H91    H  N N 187 
SPM H92    H  N N 188 
SPM HN0    H  N N 189 
SPM H111   H  N N 190 
SPM H112   H  N N 191 
SPM H121   H  N N 192 
SPM H122   H  N N 193 
SPM H131   H  N N 194 
SPM H132   H  N N 195 
SPM HN41   H  N N 196 
SPM HN42   H  N N 197 
# 
loop_
_chem_comp_bond.comp_id 
_chem_comp_bond.atom_id_1 
_chem_comp_bond.atom_id_2 
_chem_comp_bond.value_order 
_chem_comp_bond.pdbx_aromatic_flag 
_chem_comp_bond.pdbx_stereo_config 
_chem_comp_bond.pdbx_ordinal 
CPT PT1   N1     sing N N 1   
CPT PT1   N2     sing N N 2   
CPT N1    H11    sing N N 3   
CPT N1    H12    sing N N 4   
CPT N1    H13    sing N N 5   
CPT N2    H21    sing N N 6   
CPT N2    H22    sing N N 7   
CPT N2    H23    sing N N 8   
CPT CL2   PT1    sing N N 9   
CPT CL1   PT1    sing N N 10  
DA  OP3   P      sing N N 11  
DA  OP3   HOP3   sing N N 12  
DA  P     OP1    doub N N 13  
DA  P     OP2    sing N N 14  
DA  P     "O5'"  sing N N 15  
DA  OP2   HOP2   sing N N 16  
DA  "O5'" "C5'"  sing N N 17  
DA  "C5'" "C4'"  sing N N 18  
DA  "C5'" "H5'"  sing N N 19  
DA  "C5'" "H5''" sing N N 20  
DA  "C4'" "O4'"  sing N N 21  
DA  "C4'" "C3'"  sing N N 22  
DA  "C4'" "H4'"  sing N N 23  
DA  "O4'" "C1'"  sing N N 24  
DA  "C3'" "O3'"  sing N N 25  
DA  "C3'" "C2'"  sing N N 26  
DA  "C3'" "H3'"  sing N N 27  
DA  "O3'" "HO3'" sing N N 28  
DA  "C2'" "C1'"  sing N N 29  
DA  "C2'" "H2'"  sing N N 30  
DA  "C2'" "H2''" sing N N 31  
DA  "C1'" N9     sing N N 32  
DA  "C1'" "H1'"  sing N N 33  
DA  N9    C8     sing Y N 34  
DA  N9    C4     sing Y N 35  
DA  C8    N7     doub Y N 36  
DA  C8    H8     sing N N 37  
DA  N7    C5     sing Y N 38  
DA  C5    C6     sing Y N 39  
DA  C5    C4     doub Y N 40  
DA  C6    N6     sing N N 41  
DA  C6    N1     doub Y N 42  
DA  N6    H61    sing N N 43  
DA  N6    H62    sing N N 44  
DA  N1    C2     sing Y N 45  
DA  C2    N3     doub Y N 46  
DA  C2    H2     sing N N 47  
DA  N3    C4     sing Y N 48  
DC  OP3   P      sing N N 49  
DC  OP3   HOP3   sing N N 50  
DC  P     OP1    doub N N 51  
DC  P     OP2    sing N N 52  
DC  P     "O5'"  sing N N 53  
DC  OP2   HOP2   sing N N 54  
DC  "O5'" "C5'"  sing N N 55  
DC  "C5'" "C4'"  sing N N 56  
DC  "C5'" "H5'"  sing N N 57  
DC  "C5'" "H5''" sing N N 58  
DC  "C4'" "O4'"  sing N N 59  
DC  "C4'" "C3'"  sing N N 60  
DC  "C4'" "H4'"  sing N N 61  
DC  "O4'" "C1'"  sing N N 62  
DC  "C3'" "O3'"  sing N N 63  
DC  "C3'" "C2'"  sing N N 64  
DC  "C3'" "H3'"  sing N N 65  
DC  "O3'" "HO3'" sing N N 66  
DC  "C2'" "C1'"  sing N N 67  
DC  "C2'" "H2'"  sing N N 68  
DC  "C2'" "H2''" sing N N 69  
DC  "C1'" N1     sing N N 70  
DC  "C1'" "H1'"  sing N N 71  
DC  N1    C2     sing N N 72  
DC  N1    C6     sing N N 73  
DC  C2    O2     doub N N 74  
DC  C2    N3     sing N N 75  
DC  N3    C4     doub N N 76  
DC  C4    N4     sing N N 77  
DC  C4    C5     sing N N 78  
DC  N4    H41    sing N N 79  
DC  N4    H42    sing N N 80  
DC  C5    C6     doub N N 81  
DC  C5    H5     sing N N 82  
DC  C6    H6     sing N N 83  
DG  OP3   P      sing N N 84  
DG  OP3   HOP3   sing N N 85  
DG  P     OP1    doub N N 86  
DG  P     OP2    sing N N 87  
DG  P     "O5'"  sing N N 88  
DG  OP2   HOP2   sing N N 89  
DG  "O5'" "C5'"  sing N N 90  
DG  "C5'" "C4'"  sing N N 91  
DG  "C5'" "H5'"  sing N N 92  
DG  "C5'" "H5''" sing N N 93  
DG  "C4'" "O4'"  sing N N 94  
DG  "C4'" "C3'"  sing N N 95  
DG  "C4'" "H4'"  sing N N 96  
DG  "O4'" "C1'"  sing N N 97  
DG  "C3'" "O3'"  sing N N 98  
DG  "C3'" "C2'"  sing N N 99  
DG  "C3'" "H3'"  sing N N 100 
DG  "O3'" "HO3'" sing N N 101 
DG  "C2'" "C1'"  sing N N 102 
DG  "C2'" "H2'"  sing N N 103 
DG  "C2'" "H2''" sing N N 104 
DG  "C1'" N9     sing N N 105 
DG  "C1'" "H1'"  sing N N 106 
DG  N9    C8     sing Y N 107 
DG  N9    C4     sing Y N 108 
DG  C8    N7     doub Y N 109 
DG  C8    H8     sing N N 110 
DG  N7    C5     sing Y N 111 
DG  C5    C6     sing N N 112 
DG  C5    C4     doub Y N 113 
DG  C6    O6     doub N N 114 
DG  C6    N1     sing N N 115 
DG  N1    C2     sing N N 116 
DG  N1    H1     sing N N 117 
DG  C2    N2     sing N N 118 
DG  C2    N3     doub N N 119 
DG  N2    H21    sing N N 120 
DG  N2    H22    sing N N 121 
DG  N3    C4     sing N N 122 
DT  OP3   P      sing N N 123 
DT  OP3   HOP3   sing N N 124 
DT  P     OP1    doub N N 125 
DT  P     OP2    sing N N 126 
DT  P     "O5'"  sing N N 127 
DT  OP2   HOP2   sing N N 128 
DT  "O5'" "C5'"  sing N N 129 
DT  "C5'" "C4'"  sing N N 130 
DT  "C5'" "H5'"  sing N N 131 
DT  "C5'" "H5''" sing N N 132 
DT  "C4'" "O4'"  sing N N 133 
DT  "C4'" "C3'"  sing N N 134 
DT  "C4'" "H4'"  sing N N 135 
DT  "O4'" "C1'"  sing N N 136 
DT  "C3'" "O3'"  sing N N 137 
DT  "C3'" "C2'"  sing N N 138 
DT  "C3'" "H3'"  sing N N 139 
DT  "O3'" "HO3'" sing N N 140 
DT  "C2'" "C1'"  sing N N 141 
DT  "C2'" "H2'"  sing N N 142 
DT  "C2'" "H2''" sing N N 143 
DT  "C1'" N1     sing N N 144 
DT  "C1'" "H1'"  sing N N 145 
DT  N1    C2     sing N N 146 
DT  N1    C6     sing N N 147 
DT  C2    O2     doub N N 148 
DT  C2    N3     sing N N 149 
DT  N3    C4     sing N N 150 
DT  N3    H3     sing N N 151 
DT  C4    O4     doub N N 152 
DT  C4    C5     sing N N 153 
DT  C5    C7     sing N N 154 
DT  C5    C6     doub N N 155 
DT  C7    H71    sing N N 156 
DT  C7    H72    sing N N 157 
DT  C7    H73    sing N N 158 
DT  C6    H6     sing N N 159 
HOH O     H1     sing N N 160 
HOH O     H2     sing N N 161 
SPM N1    C2     sing N N 162 
SPM N1    HN11   sing N N 163 
SPM N1    HN12   sing N N 164 
SPM C2    C3     sing N N 165 
SPM C2    H21    sing N N 166 
SPM C2    H22    sing N N 167 
SPM C3    C4     sing N N 168 
SPM C3    H31    sing N N 169 
SPM C3    H32    sing N N 170 
SPM C4    N5     sing N N 171 
SPM C4    H41    sing N N 172 
SPM C4    H42    sing N N 173 
SPM N5    C6     sing N N 174 
SPM N5    HN5    sing N N 175 
SPM C6    C7     sing N N 176 
SPM C6    H61    sing N N 177 
SPM C6    H62    sing N N 178 
SPM C7    C8     sing N N 179 
SPM C7    H71    sing N N 180 
SPM C7    H72    sing N N 181 
SPM C8    C9     sing N N 182 
SPM C8    H81    sing N N 183 
SPM C8    H82    sing N N 184 
SPM C9    N10    sing N N 185 
SPM C9    H91    sing N N 186 
SPM C9    H92    sing N N 187 
SPM N10   C11    sing N N 188 
SPM N10   HN0    sing N N 189 
SPM C11   C12    sing N N 190 
SPM C11   H111   sing N N 191 
SPM C11   H112   sing N N 192 
SPM C12   C13    sing N N 193 
SPM C12   H121   sing N N 194 
SPM C12   H122   sing N N 195 
SPM C13   N14    sing N N 196 
SPM C13   H131   sing N N 197 
SPM C13   H132   sing N N 198 
SPM N14   HN41   sing N N 199 
SPM N14   HN42   sing N N 200 
# 
loop_
_ndb_struct_conf_na.entry_id 
_ndb_struct_conf_na.feature 
1I1P 'double helix'        
1I1P 'b-form double helix' 
1I1P 'internal loop'       
# 
loop_
_ndb_struct_na_base_pair.model_number 
_ndb_struct_na_base_pair.i_label_asym_id 
_ndb_struct_na_base_pair.i_label_comp_id 
_ndb_struct_na_base_pair.i_label_seq_id 
_ndb_struct_na_base_pair.i_symmetry 
_ndb_struct_na_base_pair.j_label_asym_id 
_ndb_struct_na_base_pair.j_label_comp_id 
_ndb_struct_na_base_pair.j_label_seq_id 
_ndb_struct_na_base_pair.j_symmetry 
_ndb_struct_na_base_pair.shear 
_ndb_struct_na_base_pair.stretch 
_ndb_struct_na_base_pair.stagger 
_ndb_struct_na_base_pair.buckle 
_ndb_struct_na_base_pair.propeller 
_ndb_struct_na_base_pair.opening 
_ndb_struct_na_base_pair.pair_number 
_ndb_struct_na_base_pair.pair_name 
_ndb_struct_na_base_pair.i_auth_asym_id 
_ndb_struct_na_base_pair.i_auth_seq_id 
_ndb_struct_na_base_pair.i_PDB_ins_code 
_ndb_struct_na_base_pair.j_auth_asym_id 
_ndb_struct_na_base_pair.j_auth_seq_id 
_ndb_struct_na_base_pair.j_PDB_ins_code 
_ndb_struct_na_base_pair.hbond_type_28 
_ndb_struct_na_base_pair.hbond_type_12 
1 A DC 1  1_555 B DG 10 1_555 0.296  -0.121 0.207  -8.945 -12.537 -0.505 1 A_DC1:DG20_B  A 1  ? B 20 ? 19 1 
1 A DC 2  1_555 B DG 9  1_555 0.099  -0.102 0.404  -6.779 -11.501 -1.096 2 A_DC2:DG19_B  A 2  ? B 19 ? 19 1 
1 A DT 3  1_555 B DA 8  1_555 -0.143 -0.055 -0.024 -1.345 -5.984  4.791  3 A_DT3:DA18_B  A 3  ? B 18 ? 20 1 
1 A DC 4  1_555 B DG 7  1_555 0.286  -0.127 -0.292 12.739 2.844   -1.726 4 A_DC4:DG17_B  A 4  ? B 17 ? 19 1 
1 A DT 7  1_555 B DA 4  1_555 -0.122 -0.079 0.125  -9.941 -11.031 2.685  5 A_DT7:DA14_B  A 7  ? B 14 ? 20 1 
1 A DC 8  1_555 B DG 3  1_555 0.261  -0.181 0.093  -9.872 -9.137  -0.011 6 A_DC8:DG13_B  A 8  ? B 13 ? 19 1 
1 A DT 9  1_555 B DA 2  1_555 -0.276 -0.164 0.082  -8.651 -5.986  -1.794 7 A_DT9:DA12_B  A 9  ? B 12 ? 20 1 
1 A DC 10 1_555 B DG 1  1_555 0.262  -0.203 -0.254 -0.477 -5.401  -1.841 8 A_DC10:DG11_B A 10 ? B 11 ? 19 1 
# 
loop_
_ndb_struct_na_base_pair_step.model_number 
_ndb_struct_na_base_pair_step.i_label_asym_id_1 
_ndb_struct_na_base_pair_step.i_label_comp_id_1 
_ndb_struct_na_base_pair_step.i_label_seq_id_1 
_ndb_struct_na_base_pair_step.i_symmetry_1 
_ndb_struct_na_base_pair_step.j_label_asym_id_1 
_ndb_struct_na_base_pair_step.j_label_comp_id_1 
_ndb_struct_na_base_pair_step.j_label_seq_id_1 
_ndb_struct_na_base_pair_step.j_symmetry_1 
_ndb_struct_na_base_pair_step.i_label_asym_id_2 
_ndb_struct_na_base_pair_step.i_label_comp_id_2 
_ndb_struct_na_base_pair_step.i_label_seq_id_2 
_ndb_struct_na_base_pair_step.i_symmetry_2 
_ndb_struct_na_base_pair_step.j_label_asym_id_2 
_ndb_struct_na_base_pair_step.j_label_comp_id_2 
_ndb_struct_na_base_pair_step.j_label_seq_id_2 
_ndb_struct_na_base_pair_step.j_symmetry_2 
_ndb_struct_na_base_pair_step.shift 
_ndb_struct_na_base_pair_step.slide 
_ndb_struct_na_base_pair_step.rise 
_ndb_struct_na_base_pair_step.tilt 
_ndb_struct_na_base_pair_step.roll 
_ndb_struct_na_base_pair_step.twist 
_ndb_struct_na_base_pair_step.x_displacement 
_ndb_struct_na_base_pair_step.y_displacement 
_ndb_struct_na_base_pair_step.helical_rise 
_ndb_struct_na_base_pair_step.inclination 
_ndb_struct_na_base_pair_step.tip 
_ndb_struct_na_base_pair_step.helical_twist 
_ndb_struct_na_base_pair_step.step_number 
_ndb_struct_na_base_pair_step.step_name 
_ndb_struct_na_base_pair_step.i_auth_asym_id_1 
_ndb_struct_na_base_pair_step.i_auth_seq_id_1 
_ndb_struct_na_base_pair_step.i_PDB_ins_code_1 
_ndb_struct_na_base_pair_step.j_auth_asym_id_1 
_ndb_struct_na_base_pair_step.j_auth_seq_id_1 
_ndb_struct_na_base_pair_step.j_PDB_ins_code_1 
_ndb_struct_na_base_pair_step.i_auth_asym_id_2 
_ndb_struct_na_base_pair_step.i_auth_seq_id_2 
_ndb_struct_na_base_pair_step.i_PDB_ins_code_2 
_ndb_struct_na_base_pair_step.j_auth_asym_id_2 
_ndb_struct_na_base_pair_step.j_auth_seq_id_2 
_ndb_struct_na_base_pair_step.j_PDB_ins_code_2 
1 A DC 1 1_555 B DG 10 1_555 A DC 2  1_555 B DG 9 1_555 0.631  -1.300 3.325 0.021  1.552  36.100 -2.317 -1.014 3.269 2.503  -0.034 
36.132 1 AA_DC1DC2:DG19DG20_BB  A 1 ? B 20 ? A 2  ? B 19 ? 
1 A DC 2 1_555 B DG 9  1_555 A DT 3  1_555 B DA 8 1_555 -1.300 -1.029 3.268 4.113  2.442  21.329 -3.614 4.945  2.835 6.494  
-10.934 21.853 2 AA_DC2DT3:DA18DG19_BB  A 2 ? B 19 ? A 3  ? B 18 ? 
1 A DT 3 1_555 B DA 8  1_555 A DC 4  1_555 B DG 7 1_555 -0.776 0.714  3.180 5.445  14.482 23.148 -2.045 2.944  2.875 31.920 
-12.002 27.784 3 AA_DT3DC4:DG17DA18_BB  A 3 ? B 18 ? A 4  ? B 17 ? 
1 A DT 7 1_555 B DA 4  1_555 A DC 8  1_555 B DG 3 1_555 -0.412 -0.111 3.208 -0.786 1.687  38.070 -0.380 0.533  3.208 2.584  1.204 
38.114 4 AA_DT7DC8:DG13DA14_BB  A 7 ? B 14 ? A 8  ? B 13 ? 
1 A DC 8 1_555 B DG 3  1_555 A DT 9  1_555 B DA 2 1_555 0.838  0.036  3.224 3.266  2.072  33.788 -0.269 -0.912 3.285 3.550  -5.596 
34.003 5 AA_DC8DT9:DA12DG13_BB  A 8 ? B 13 ? A 9  ? B 12 ? 
1 A DT 9 1_555 B DA 2  1_555 A DC 10 1_555 B DG 1 1_555 -0.030 -0.058 3.141 3.419  0.603  31.710 -0.211 0.652  3.119 1.099  -6.234 
31.895 6 AA_DT9DC10:DG11DA12_BB A 9 ? B 12 ? A 10 ? B 11 ? 
# 
_atom_sites.entry_id                    1I1P 
_atom_sites.fract_transf_matrix[1][1]   -0.00148767 
_atom_sites.fract_transf_matrix[1][2]   0.00987091 
_atom_sites.fract_transf_matrix[1][3]   0.02121095 
_atom_sites.fract_transf_matrix[2][1]   0.03300228 
_atom_sites.fract_transf_matrix[2][2]   0.00484447 
_atom_sites.fract_transf_matrix[2][3]   0.00006021 
_atom_sites.fract_transf_matrix[3][1]   -0.00294824 
_atom_sites.fract_transf_matrix[3][2]   0.02017284 
_atom_sites.fract_transf_matrix[3][3]   -0.00710883 
_atom_sites.fract_transf_vector[1]      0.297683 
_atom_sites.fract_transf_vector[2]      0.289381 
_atom_sites.fract_transf_vector[3]      0.782725 
# 
loop_
_atom_type.symbol 
C  
N  
O  
P  
PT 
# 
loop_
_atom_site.group_PDB 
_atom_site.id 
_atom_site.type_symbol 
_atom_site.label_atom_id 
_atom_site.label_alt_id 
_atom_site.label_comp_id 
_atom_site.label_asym_id 
_atom_site.label_entity_id 
_atom_site.label_seq_id 
_atom_site.pdbx_PDB_ins_code 
_atom_site.Cartn_x 
_atom_site.Cartn_y 
_atom_site.Cartn_z 
_atom_site.occupancy 
_atom_site.B_iso_or_equiv 
_atom_site.pdbx_formal_charge 
_atom_site.auth_seq_id 
_atom_site.auth_comp_id 
_atom_site.auth_asym_id 
_atom_site.auth_atom_id 
_atom_site.pdbx_PDB_model_num 
ATOM   1   O  "O5'" . DC  A 1 1  ? 1.825   14.595  -13.404 1.00 18.45 ? 1   DC  A "O5'" 1 
ATOM   2   C  "C5'" . DC  A 1 1  ? 0.822   15.336  -14.097 1.00 15.07 ? 1   DC  A "C5'" 1 
ATOM   3   C  "C4'" . DC  A 1 1  ? -0.401  14.398  -14.122 1.00 13.64 ? 1   DC  A "C4'" 1 
ATOM   4   O  "O4'" . DC  A 1 1  ? -0.071  13.314  -15.033 1.00 12.53 ? 1   DC  A "O4'" 1 
ATOM   5   C  "C3'" . DC  A 1 1  ? -0.825  13.629  -12.875 1.00 14.28 ? 1   DC  A "C3'" 1 
ATOM   6   O  "O3'" . DC  A 1 1  ? -1.642  14.403  -11.998 1.00 16.00 ? 1   DC  A "O3'" 1 
ATOM   7   C  "C2'" . DC  A 1 1  ? -1.695  12.510  -13.488 1.00 12.91 ? 1   DC  A "C2'" 1 
ATOM   8   C  "C1'" . DC  A 1 1  ? -0.844  12.151  -14.706 1.00 11.89 ? 1   DC  A "C1'" 1 
ATOM   9   N  N1    . DC  A 1 1  ? 0.101   11.010  -14.517 1.00 11.50 ? 1   DC  A N1    1 
ATOM   10  C  C2    . DC  A 1 1  ? -0.410  9.709   -14.473 1.00 11.87 ? 1   DC  A C2    1 
ATOM   11  O  O2    . DC  A 1 1  ? -1.645  9.555   -14.586 1.00 11.69 ? 1   DC  A O2    1 
ATOM   12  N  N3    . DC  A 1 1  ? 0.440   8.652   -14.351 1.00 10.34 ? 1   DC  A N3    1 
ATOM   13  C  C4    . DC  A 1 1  ? 1.760   8.856   -14.249 1.00 12.89 ? 1   DC  A C4    1 
ATOM   14  N  N4    . DC  A 1 1  ? 2.594   7.822   -14.113 1.00 12.33 ? 1   DC  A N4    1 
ATOM   15  C  C5    . DC  A 1 1  ? 2.320   10.177  -14.248 1.00 11.80 ? 1   DC  A C5    1 
ATOM   16  C  C6    . DC  A 1 1  ? 1.443   11.225  -14.391 1.00 11.48 ? 1   DC  A C6    1 
ATOM   17  P  P     . DC  A 1 2  ? -1.756  14.081  -10.450 1.00 19.18 ? 2   DC  A P     1 
ATOM   18  O  OP1   . DC  A 1 2  ? -2.607  15.179  -9.948  1.00 21.37 ? 2   DC  A OP1   1 
ATOM   19  O  OP2   . DC  A 1 2  ? -0.440  13.864  -9.785  1.00 20.47 ? 2   DC  A OP2   1 
ATOM   20  O  "O5'" . DC  A 1 2  ? -2.547  12.702  -10.294 1.00 16.95 ? 2   DC  A "O5'" 1 
ATOM   21  C  "C5'" . DC  A 1 2  ? -3.865  12.607  -10.874 1.00 15.12 ? 2   DC  A "C5'" 1 
ATOM   22  C  "C4'" . DC  A 1 2  ? -4.316  11.168  -10.827 1.00 13.32 ? 2   DC  A "C4'" 1 
ATOM   23  O  "O4'" . DC  A 1 2  ? -3.428  10.377  -11.684 1.00 12.88 ? 2   DC  A "O4'" 1 
ATOM   24  C  "C3'" . DC  A 1 2  ? -4.252  10.441  -9.471  1.00 13.80 ? 2   DC  A "C3'" 1 
ATOM   25  O  "O3'" . DC  A 1 2  ? -5.422  10.797  -8.733  1.00 16.20 ? 2   DC  A "O3'" 1 
ATOM   26  C  "C2'" . DC  A 1 2  ? -4.247  8.987   -9.929  1.00 13.65 ? 2   DC  A "C2'" 1 
ATOM   27  C  "C1'" . DC  A 1 2  ? -3.378  9.048   -11.190 1.00 13.36 ? 2   DC  A "C1'" 1 
ATOM   28  N  N1    . DC  A 1 2  ? -1.932  8.686   -11.039 1.00 12.54 ? 2   DC  A N1    1 
ATOM   29  C  C2    . DC  A 1 2  ? -1.598  7.335   -11.052 1.00 11.53 ? 2   DC  A C2    1 
ATOM   30  O  O2    . DC  A 1 2  ? -2.468  6.474   -11.158 1.00 12.19 ? 2   DC  A O2    1 
ATOM   31  N  N3    . DC  A 1 2  ? -0.278  6.981   -10.942 1.00 11.64 ? 2   DC  A N3    1 
ATOM   32  C  C4    . DC  A 1 2  ? 0.686   7.907   -10.819 1.00 11.55 ? 2   DC  A C4    1 
ATOM   33  N  N4    . DC  A 1 2  ? 1.985   7.599   -10.708 1.00 12.14 ? 2   DC  A N4    1 
ATOM   34  C  C5    . DC  A 1 2  ? 0.343   9.299   -10.813 1.00 11.98 ? 2   DC  A C5    1 
ATOM   35  C  C6    . DC  A 1 2  ? -0.978  9.641   -10.920 1.00 12.78 ? 2   DC  A C6    1 
ATOM   36  P  P     . DT  A 1 3  ? -5.488  10.336  -7.181  1.00 19.26 ? 3   DT  A P     1 
ATOM   37  O  OP1   . DT  A 1 3  ? -6.686  11.067  -6.706  1.00 20.03 ? 3   DT  A OP1   1 
ATOM   38  O  OP2   . DT  A 1 3  ? -4.238  10.719  -6.461  1.00 18.87 ? 3   DT  A OP2   1 
ATOM   39  O  "O5'" . DT  A 1 3  ? -5.680  8.760   -7.139  1.00 18.58 ? 3   DT  A "O5'" 1 
ATOM   40  C  "C5'" . DT  A 1 3  ? -6.758  8.140   -7.879  1.00 18.44 ? 3   DT  A "C5'" 1 
ATOM   41  C  "C4'" . DT  A 1 3  ? -6.746  6.650   -7.577  1.00 18.85 ? 3   DT  A "C4'" 1 
ATOM   42  O  "O4'" . DT  A 1 3  ? -5.643  6.023   -8.289  1.00 17.62 ? 3   DT  A "O4'" 1 
ATOM   43  C  "C3'" . DT  A 1 3  ? -6.494  6.327   -6.091  1.00 19.14 ? 3   DT  A "C3'" 1 
ATOM   44  O  "O3'" . DT  A 1 3  ? -7.701  6.209   -5.337  1.00 20.44 ? 3   DT  A "O3'" 1 
ATOM   45  C  "C2'" . DT  A 1 3  ? -5.813  4.969   -6.163  1.00 18.30 ? 3   DT  A "C2'" 1 
ATOM   46  C  "C1'" . DT  A 1 3  ? -5.061  5.000   -7.477  1.00 17.84 ? 3   DT  A "C1'" 1 
ATOM   47  N  N1    . DT  A 1 3  ? -3.600  5.301   -7.452  1.00 16.34 ? 3   DT  A N1    1 
ATOM   48  C  C2    . DT  A 1 3  ? -2.744  4.237   -7.629  1.00 16.17 ? 3   DT  A C2    1 
ATOM   49  O  O2    . DT  A 1 3  ? -3.115  3.079   -7.745  1.00 17.17 ? 3   DT  A O2    1 
ATOM   50  N  N3    . DT  A 1 3  ? -1.395  4.559   -7.663  1.00 15.24 ? 3   DT  A N3    1 
ATOM   51  C  C4    . DT  A 1 3  ? -0.859  5.819   -7.537  1.00 15.04 ? 3   DT  A C4    1 
ATOM   52  O  O4    . DT  A 1 3  ? 0.354   5.995   -7.601  1.00 15.37 ? 3   DT  A O4    1 
ATOM   53  C  C5    . DT  A 1 3  ? -1.837  6.882   -7.380  1.00 15.98 ? 3   DT  A C5    1 
ATOM   54  C  C7    . DT  A 1 3  ? -1.365  8.291   -7.241  1.00 16.56 ? 3   DT  A C7    1 
ATOM   55  C  C6    . DT  A 1 3  ? -3.152  6.587   -7.340  1.00 15.29 ? 3   DT  A C6    1 
ATOM   56  P  P     . DC  A 1 4  ? -7.626  6.829   -3.850  1.00 21.05 ? 4   DC  A P     1 
ATOM   57  O  OP1   . DC  A 1 4  ? -9.112  7.077   -3.657  1.00 22.68 ? 4   DC  A OP1   1 
ATOM   58  O  OP2   . DC  A 1 4  ? -6.713  7.838   -3.290  1.00 20.71 ? 4   DC  A OP2   1 
ATOM   59  O  "O5'" . DC  A 1 4  ? -7.365  5.440   -3.040  1.00 18.80 ? 4   DC  A "O5'" 1 
ATOM   60  C  "C5'" . DC  A 1 4  ? -8.141  4.256   -3.326  1.00 16.37 ? 4   DC  A "C5'" 1 
ATOM   61  C  "C4'" . DC  A 1 4  ? -7.490  3.077   -2.593  1.00 15.60 ? 4   DC  A "C4'" 1 
ATOM   62  O  "O4'" . DC  A 1 4  ? -6.179  2.863   -3.230  1.00 15.80 ? 4   DC  A "O4'" 1 
ATOM   63  C  "C3'" . DC  A 1 4  ? -7.208  3.319   -1.111  1.00 15.14 ? 4   DC  A "C3'" 1 
ATOM   64  O  "O3'" . DC  A 1 4  ? -7.495  2.114   -0.406  1.00 15.22 ? 4   DC  A "O3'" 1 
ATOM   65  C  "C2'" . DC  A 1 4  ? -5.717  3.605   -1.014  1.00 15.17 ? 4   DC  A "C2'" 1 
ATOM   66  C  "C1'" . DC  A 1 4  ? -5.146  2.921   -2.261  1.00 15.64 ? 4   DC  A "C1'" 1 
ATOM   67  N  N1    . DC  A 1 4  ? -3.994  3.680   -2.837  1.00 15.15 ? 4   DC  A N1    1 
ATOM   68  C  C2    . DC  A 1 4  ? -2.900  2.957   -3.303  1.00 14.61 ? 4   DC  A C2    1 
ATOM   69  O  O2    . DC  A 1 4  ? -2.955  1.734   -3.267  1.00 14.26 ? 4   DC  A O2    1 
ATOM   70  N  N3    . DC  A 1 4  ? -1.834  3.620   -3.837  1.00 14.09 ? 4   DC  A N3    1 
ATOM   71  C  C4    . DC  A 1 4  ? -1.832  4.948   -3.906  1.00 14.34 ? 4   DC  A C4    1 
ATOM   72  N  N4    . DC  A 1 4  ? -0.742  5.550   -4.382  1.00 14.51 ? 4   DC  A N4    1 
ATOM   73  C  C5    . DC  A 1 4  ? -2.948  5.729   -3.438  1.00 14.30 ? 4   DC  A C5    1 
ATOM   74  C  C6    . DC  A 1 4  ? -4.006  5.038   -2.921  1.00 15.08 ? 4   DC  A C6    1 
ATOM   75  P  P     . DG  A 1 5  ? -8.307  2.172   0.973   1.00 15.48 ? 5   DG  A P     1 
ATOM   76  O  OP1   . DG  A 1 5  ? -8.813  0.810   1.167   1.00 16.62 ? 5   DG  A OP1   1 
ATOM   77  O  OP2   . DG  A 1 5  ? -9.263  3.296   1.077   1.00 16.36 ? 5   DG  A OP2   1 
ATOM   78  O  "O5'" . DG  A 1 5  ? -7.167  2.451   2.078   1.00 15.22 ? 5   DG  A "O5'" 1 
ATOM   79  C  "C5'" . DG  A 1 5  ? -6.150  1.467   2.336   1.00 13.36 ? 5   DG  A "C5'" 1 
ATOM   80  C  "C4'" . DG  A 1 5  ? -5.859  1.670   3.828   1.00 13.32 ? 5   DG  A "C4'" 1 
ATOM   81  O  "O4'" . DG  A 1 5  ? -4.705  0.867   4.181   1.00 11.23 ? 5   DG  A "O4'" 1 
ATOM   82  C  "C3'" . DG  A 1 5  ? -5.500  3.120   4.189   1.00 13.34 ? 5   DG  A "C3'" 1 
ATOM   83  O  "O3'" . DG  A 1 5  ? -5.749  3.404   5.557   1.00 15.82 ? 5   DG  A "O3'" 1 
ATOM   84  C  "C2'" . DG  A 1 5  ? -3.992  3.138   3.947   1.00 13.39 ? 5   DG  A "C2'" 1 
ATOM   85  C  "C1'" . DG  A 1 5  ? -3.614  1.730   4.458   1.00 11.70 ? 5   DG  A "C1'" 1 
ATOM   86  N  N9    . DG  A 1 5  ? -2.470  1.177   3.680   1.00 9.95  ? 5   DG  A N9    1 
ATOM   87  C  C8    . DG  A 1 5  ? -2.502  0.189   2.712   1.00 11.66 ? 5   DG  A C8    1 
ATOM   88  N  N7    . DG  A 1 5  ? -1.339  0.000   2.160   1.00 8.07  ? 5   DG  A N7    1 
ATOM   89  C  C5    . DG  A 1 5  ? -0.445  0.853   2.836   1.00 10.70 ? 5   DG  A C5    1 
ATOM   90  C  C6    . DG  A 1 5  ? 0.950   1.084   2.720   1.00 10.17 ? 5   DG  A C6    1 
ATOM   91  O  O6    . DG  A 1 5  ? 1.802   0.559   2.007   1.00 10.80 ? 5   DG  A O6    1 
ATOM   92  N  N1    . DG  A 1 5  ? 1.408   2.116   3.575   1.00 10.99 ? 5   DG  A N1    1 
ATOM   93  C  C2    . DG  A 1 5  ? 0.576   2.789   4.448   1.00 11.78 ? 5   DG  A C2    1 
ATOM   94  N  N2    . DG  A 1 5  ? 1.158   3.740   5.205   1.00 13.30 ? 5   DG  A N2    1 
ATOM   95  N  N3    . DG  A 1 5  ? -0.724  2.573   4.576   1.00 10.31 ? 5   DG  A N3    1 
ATOM   96  C  C4    . DG  A 1 5  ? -1.159  1.599   3.722   1.00 10.59 ? 5   DG  A C4    1 
ATOM   97  P  P     . DC  A 1 6  ? -6.989  4.361   5.944   1.00 18.40 ? 6   DC  A P     1 
ATOM   98  O  OP1   . DC  A 1 6  ? -7.107  5.411   4.935   1.00 18.86 ? 6   DC  A OP1   1 
ATOM   99  O  OP2   . DC  A 1 6  ? -6.668  4.723   7.326   1.00 19.47 ? 6   DC  A OP2   1 
ATOM   100 O  "O5'" . DC  A 1 6  ? -8.272  3.381   5.925   1.00 14.97 ? 6   DC  A "O5'" 1 
ATOM   101 C  "C5'" . DC  A 1 6  ? -8.719  2.600   7.014   1.00 14.26 ? 6   DC  A "C5'" 1 
ATOM   102 C  "C4'" . DC  A 1 6  ? -10.029 1.913   6.647   1.00 12.76 ? 6   DC  A "C4'" 1 
ATOM   103 O  "O4'" . DC  A 1 6  ? -11.096 2.902   6.652   1.00 13.53 ? 6   DC  A "O4'" 1 
ATOM   104 C  "C3'" . DC  A 1 6  ? -10.056 1.326   5.226   1.00 12.50 ? 6   DC  A "C3'" 1 
ATOM   105 O  "O3'" . DC  A 1 6  ? -10.902 0.179   5.201   1.00 12.33 ? 6   DC  A "O3'" 1 
ATOM   106 C  "C2'" . DC  A 1 6  ? -10.660 2.438   4.364   1.00 12.19 ? 6   DC  A "C2'" 1 
ATOM   107 C  "C1'" . DC  A 1 6  ? -11.660 3.043   5.338   1.00 12.17 ? 6   DC  A "C1'" 1 
ATOM   108 N  N1    . DC  A 1 6  ? -11.875 4.507   5.183   1.00 11.56 ? 6   DC  A N1    1 
ATOM   109 C  C2    . DC  A 1 6  ? -13.170 5.020   5.151   1.00 11.46 ? 6   DC  A C2    1 
ATOM   110 O  O2    . DC  A 1 6  ? -14.133 4.249   5.159   1.00 10.39 ? 6   DC  A O2    1 
ATOM   111 N  N3    . DC  A 1 6  ? -13.329 6.371   5.056   1.00 12.11 ? 6   DC  A N3    1 
ATOM   112 C  C4    . DC  A 1 6  ? -12.276 7.189   5.080   1.00 13.82 ? 6   DC  A C4    1 
ATOM   113 N  N4    . DC  A 1 6  ? -12.458 8.502   5.016   1.00 14.15 ? 6   DC  A N4    1 
ATOM   114 C  C5    . DC  A 1 6  ? -10.923 6.682   5.143   1.00 13.39 ? 6   DC  A C5    1 
ATOM   115 C  C6    . DC  A 1 6  ? -10.794 5.336   5.214   1.00 13.82 ? 6   DC  A C6    1 
ATOM   116 P  P     . DT  A 1 7  ? -10.372 -1.264  5.682   1.00 13.02 ? 7   DT  A P     1 
ATOM   117 O  OP1   . DT  A 1 7  ? -11.501 -2.166  5.365   1.00 13.02 ? 7   DT  A OP1   1 
ATOM   118 O  OP2   . DT  A 1 7  ? -9.843  -1.240  7.060   1.00 13.45 ? 7   DT  A OP2   1 
ATOM   119 O  "O5'" . DT  A 1 7  ? -9.116  -1.554  4.729   1.00 11.45 ? 7   DT  A "O5'" 1 
ATOM   120 C  "C5'" . DT  A 1 7  ? -9.236  -1.576  3.287   1.00 11.91 ? 7   DT  A "C5'" 1 
ATOM   121 C  "C4'" . DT  A 1 7  ? -8.111  -2.472  2.787   1.00 12.80 ? 7   DT  A "C4'" 1 
ATOM   122 O  "O4'" . DT  A 1 7  ? -6.808  -1.921  3.155   1.00 12.40 ? 7   DT  A "O4'" 1 
ATOM   123 C  "C3'" . DT  A 1 7  ? -8.130  -3.924  3.284   1.00 13.36 ? 7   DT  A "C3'" 1 
ATOM   124 O  "O3'" . DT  A 1 7  ? -7.779  -4.767  2.164   1.00 15.70 ? 7   DT  A "O3'" 1 
ATOM   125 C  "C2'" . DT  A 1 7  ? -7.106  -3.947  4.420   1.00 12.66 ? 7   DT  A "C2'" 1 
ATOM   126 C  "C1'" . DT  A 1 7  ? -6.101  -2.905  3.918   1.00 11.79 ? 7   DT  A "C1'" 1 
ATOM   127 N  N1    . DT  A 1 7  ? -5.424  -2.146  5.004   1.00 11.50 ? 7   DT  A N1    1 
ATOM   128 C  C2    . DT  A 1 7  ? -4.054  -2.044  4.920   1.00 10.89 ? 7   DT  A C2    1 
ATOM   129 O  O2    . DT  A 1 7  ? -3.336  -2.534  4.067   1.00 10.43 ? 7   DT  A O2    1 
ATOM   130 N  N3    . DT  A 1 7  ? -3.471  -1.326  5.959   1.00 10.61 ? 7   DT  A N3    1 
ATOM   131 C  C4    . DT  A 1 7  ? -4.143  -0.729  6.990   1.00 10.87 ? 7   DT  A C4    1 
ATOM   132 O  O4    . DT  A 1 7  ? -3.520  -0.076  7.844   1.00 11.44 ? 7   DT  A O4    1 
ATOM   133 C  C5    . DT  A 1 7  ? -5.573  -0.879  6.979   1.00 11.45 ? 7   DT  A C5    1 
ATOM   134 C  C7    . DT  A 1 7  ? -6.370  -0.254  8.084   1.00 12.31 ? 7   DT  A C7    1 
ATOM   135 C  C6    . DT  A 1 7  ? -6.189  -1.573  5.995   1.00 11.54 ? 7   DT  A C6    1 
ATOM   136 P  P     . DC  A 1 8  ? -7.688  -6.362  2.457   1.00 18.05 ? 8   DC  A P     1 
ATOM   137 O  OP1   . DC  A 1 8  ? -8.079  -6.791  1.108   1.00 20.85 ? 8   DC  A OP1   1 
ATOM   138 O  OP2   . DC  A 1 8  ? -8.262  -6.864  3.691   1.00 18.15 ? 8   DC  A OP2   1 
ATOM   139 O  "O5'" . DC  A 1 8  ? -6.062  -6.588  2.522   1.00 17.08 ? 8   DC  A "O5'" 1 
ATOM   140 C  "C5'" . DC  A 1 8  ? -5.254  -6.116  1.442   1.00 15.67 ? 8   DC  A "C5'" 1 
ATOM   141 C  "C4'" . DC  A 1 8  ? -3.802  -6.520  1.666   1.00 14.71 ? 8   DC  A "C4'" 1 
ATOM   142 O  "O4'" . DC  A 1 8  ? -3.288  -5.707  2.765   1.00 14.73 ? 8   DC  A "O4'" 1 
ATOM   143 C  "C3'" . DC  A 1 8  ? -3.565  -7.982  2.065   1.00 14.85 ? 8   DC  A "C3'" 1 
ATOM   144 O  "O3'" . DC  A 1 8  ? -2.439  -8.515  1.348   1.00 15.95 ? 8   DC  A "O3'" 1 
ATOM   145 C  "C2'" . DC  A 1 8  ? -3.295  -7.909  3.568   1.00 14.70 ? 8   DC  A "C2'" 1 
ATOM   146 C  "C1'" . DC  A 1 8  ? -2.621  -6.553  3.733   1.00 14.34 ? 8   DC  A "C1'" 1 
ATOM   147 N  N1    . DC  A 1 8  ? -2.808  -5.816  5.012   1.00 13.44 ? 8   DC  A N1    1 
ATOM   148 C  C2    . DC  A 1 8  ? -1.694  -5.229  5.624   1.00 13.30 ? 8   DC  A C2    1 
ATOM   149 O  O2    . DC  A 1 8  ? -0.582  -5.396  5.125   1.00 14.46 ? 8   DC  A O2    1 
ATOM   150 N  N3    . DC  A 1 8  ? -1.865  -4.521  6.760   1.00 13.67 ? 8   DC  A N3    1 
ATOM   151 C  C4    . DC  A 1 8  ? -3.087  -4.365  7.274   1.00 12.80 ? 8   DC  A C4    1 
ATOM   152 N  N4    . DC  A 1 8  ? -3.229  -3.672  8.388   1.00 12.16 ? 8   DC  A N4    1 
ATOM   153 C  C5    . DC  A 1 8  ? -4.256  -4.953  6.669   1.00 12.86 ? 8   DC  A C5    1 
ATOM   154 C  C6    . DC  A 1 8  ? -4.053  -5.664  5.531   1.00 12.69 ? 8   DC  A C6    1 
ATOM   155 P  P     . DT  A 1 9  ? -2.146  -10.083 1.456   1.00 20.54 ? 9   DT  A P     1 
ATOM   156 O  OP1   . DT  A 1 9  ? -1.502  -10.272 0.147   1.00 21.69 ? 9   DT  A OP1   1 
ATOM   157 O  OP2   . DT  A 1 9  ? -3.253  -10.977 1.861   1.00 20.57 ? 9   DT  A OP2   1 
ATOM   158 O  "O5'" . DT  A 1 9  ? -1.061  -10.141 2.635   1.00 19.27 ? 9   DT  A "O5'" 1 
ATOM   159 C  "C5'" . DT  A 1 9  ? 0.181   -9.434  2.453   1.00 19.23 ? 9   DT  A "C5'" 1 
ATOM   160 C  "C4'" . DT  A 1 9  ? 0.928   -9.447  3.774   1.00 18.32 ? 9   DT  A "C4'" 1 
ATOM   161 O  "O4'" . DT  A 1 9  ? 0.252   -8.579  4.731   1.00 17.83 ? 9   DT  A "O4'" 1 
ATOM   162 C  "C3'" . DT  A 1 9  ? 1.009   -10.810 4.465   1.00 17.65 ? 9   DT  A "C3'" 1 
ATOM   163 O  "O3'" . DT  A 1 9  ? 2.302   -11.371 4.200   1.00 18.34 ? 9   DT  A "O3'" 1 
ATOM   164 C  "C2'" . DT  A 1 9  ? 0.851   -10.508 5.946   1.00 17.43 ? 9   DT  A "C2'" 1 
ATOM   165 C  "C1'" . DT  A 1 9  ? 0.699   -9.005  6.033   1.00 16.58 ? 9   DT  A "C1'" 1 
ATOM   166 N  N1    . DT  A 1 9  ? -0.321  -8.472  6.978   1.00 15.73 ? 9   DT  A N1    1 
ATOM   167 C  C2    . DT  A 1 9  ? 0.118   -7.590  7.944   1.00 16.12 ? 9   DT  A C2    1 
ATOM   168 O  O2    . DT  A 1 9  ? 1.270   -7.268  8.068   1.00 17.93 ? 9   DT  A O2    1 
ATOM   169 N  N3    . DT  A 1 9  ? -0.847  -7.099  8.799   1.00 16.26 ? 9   DT  A N3    1 
ATOM   170 C  C4    . DT  A 1 9  ? -2.182  -7.408  8.772   1.00 16.41 ? 9   DT  A C4    1 
ATOM   171 O  O4    . DT  A 1 9  ? -2.938  -6.886  9.595   1.00 17.72 ? 9   DT  A O4    1 
ATOM   172 C  C5    . DT  A 1 9  ? -2.561  -8.344  7.743   1.00 15.76 ? 9   DT  A C5    1 
ATOM   173 C  C7    . DT  A 1 9  ? -4.002  -8.743  7.618   1.00 16.69 ? 9   DT  A C7    1 
ATOM   174 C  C6    . DT  A 1 9  ? -1.639  -8.825  6.875   1.00 14.90 ? 9   DT  A C6    1 
ATOM   175 P  P     . DC  A 1 10 ? 2.609   -12.869 4.684   1.00 19.93 ? 10  DC  A P     1 
ATOM   176 O  OP1   . DC  A 1 10 ? 3.736   -13.144 3.749   1.00 21.37 ? 10  DC  A OP1   1 
ATOM   177 O  OP2   . DC  A 1 10 ? 1.539   -13.885 4.761   1.00 20.82 ? 10  DC  A OP2   1 
ATOM   178 O  "O5'" . DC  A 1 10 ? 3.266   -12.650 6.140   1.00 19.49 ? 10  DC  A "O5'" 1 
ATOM   179 C  "C5'" . DC  A 1 10 ? 4.311   -11.670 6.227   1.00 17.70 ? 10  DC  A "C5'" 1 
ATOM   180 C  "C4'" . DC  A 1 10 ? 4.621   -11.270 7.647   1.00 17.64 ? 10  DC  A "C4'" 1 
ATOM   181 O  "O4'" . DC  A 1 10 ? 3.629   -10.297 8.098   1.00 16.64 ? 10  DC  A "O4'" 1 
ATOM   182 C  "C3'" . DC  A 1 10 ? 4.566   -12.360 8.717   1.00 16.56 ? 10  DC  A "C3'" 1 
ATOM   183 O  "O3'" . DC  A 1 10 ? 5.844   -13.005 8.823   1.00 18.82 ? 10  DC  A "O3'" 1 
ATOM   184 C  "C2'" . DC  A 1 10 ? 4.302   -11.572 9.995   1.00 16.61 ? 10  DC  A "C2'" 1 
ATOM   185 C  "C1'" . DC  A 1 10 ? 3.636   -10.287 9.521   1.00 15.86 ? 10  DC  A "C1'" 1 
ATOM   186 N  N1    . DC  A 1 10 ? 2.221   -10.120 9.952   1.00 13.42 ? 10  DC  A N1    1 
ATOM   187 C  C2    . DC  A 1 10 ? 1.927   -9.146  10.901  1.00 13.48 ? 10  DC  A C2    1 
ATOM   188 O  O2    . DC  A 1 10 ? 2.853   -8.453  11.317  1.00 15.77 ? 10  DC  A O2    1 
ATOM   189 N  N3    . DC  A 1 10 ? 0.637   -9.019  11.289  1.00 13.86 ? 10  DC  A N3    1 
ATOM   190 C  C4    . DC  A 1 10 ? -0.318  -9.792  10.793  1.00 12.34 ? 10  DC  A C4    1 
ATOM   191 N  N4    . DC  A 1 10 ? -1.588  -9.646  11.186  1.00 12.85 ? 10  DC  A N4    1 
ATOM   192 C  C5    . DC  A 1 10 ? -0.038  -10.816 9.821   1.00 13.07 ? 10  DC  A C5    1 
ATOM   193 C  C6    . DC  A 1 10 ? 1.268   -10.934 9.441   1.00 13.66 ? 10  DC  A C6    1 
ATOM   194 O  "O5'" . DG  B 2 1  ? -1.383  -4.952  20.448  1.00 20.95 ? 11  DG  B "O5'" 1 
ATOM   195 C  "C5'" . DG  B 2 1  ? -1.546  -3.651  19.846  1.00 19.41 ? 11  DG  B "C5'" 1 
ATOM   196 C  "C4'" . DG  B 2 1  ? -0.200  -3.206  19.309  1.00 17.97 ? 11  DG  B "C4'" 1 
ATOM   197 O  "O4'" . DG  B 2 1  ? 0.229   -4.108  18.243  1.00 16.84 ? 11  DG  B "O4'" 1 
ATOM   198 C  "C3'" . DG  B 2 1  ? -0.154  -1.828  18.656  1.00 17.64 ? 11  DG  B "C3'" 1 
ATOM   199 O  "O3'" . DG  B 2 1  ? 1.173   -1.324  18.735  1.00 19.10 ? 11  DG  B "O3'" 1 
ATOM   200 C  "C2'" . DG  B 2 1  ? -0.544  -2.119  17.201  1.00 17.64 ? 11  DG  B "C2'" 1 
ATOM   201 C  "C1'" . DG  B 2 1  ? 0.064   -3.501  16.974  1.00 16.10 ? 11  DG  B "C1'" 1 
ATOM   202 N  N9    . DG  B 2 1  ? -0.781  -4.427  16.165  1.00 15.03 ? 11  DG  B N9    1 
ATOM   203 C  C8    . DG  B 2 1  ? -2.145  -4.581  16.152  1.00 14.97 ? 11  DG  B C8    1 
ATOM   204 N  N7    . DG  B 2 1  ? -2.535  -5.525  15.312  1.00 14.94 ? 11  DG  B N7    1 
ATOM   205 C  C5    . DG  B 2 1  ? -1.361  -6.007  14.748  1.00 13.09 ? 11  DG  B C5    1 
ATOM   206 C  C6    . DG  B 2 1  ? -1.166  -7.003  13.747  1.00 14.31 ? 11  DG  B C6    1 
ATOM   207 O  O6    . DG  B 2 1  ? -2.040  -7.662  13.181  1.00 14.74 ? 11  DG  B O6    1 
ATOM   208 N  N1    . DG  B 2 1  ? 0.183   -7.187  13.461  1.00 13.37 ? 11  DG  B N1    1 
ATOM   209 C  C2    . DG  B 2 1  ? 1.232   -6.485  14.061  1.00 13.36 ? 11  DG  B C2    1 
ATOM   210 N  N2    . DG  B 2 1  ? 2.458   -6.803  13.642  1.00 14.56 ? 11  DG  B N2    1 
ATOM   211 N  N3    . DG  B 2 1  ? 1.034   -5.529  14.956  1.00 13.71 ? 11  DG  B N3    1 
ATOM   212 C  C4    . DG  B 2 1  ? -0.270  -5.327  15.252  1.00 13.31 ? 11  DG  B C4    1 
ATOM   213 P  P     . DA  B 2 2  ? 1.574   0.066   18.087  1.00 22.12 ? 12  DA  B P     1 
ATOM   214 O  OP1   . DA  B 2 2  ? 2.708   0.524   18.964  1.00 23.59 ? 12  DA  B OP1   1 
ATOM   215 O  OP2   . DA  B 2 2  ? 0.437   0.982   17.913  1.00 22.29 ? 12  DA  B OP2   1 
ATOM   216 O  "O5'" . DA  B 2 2  ? 2.228   -0.367  16.720  1.00 21.15 ? 12  DA  B "O5'" 1 
ATOM   217 C  "C5'" . DA  B 2 2  ? 3.438   -1.141  16.720  1.00 22.02 ? 12  DA  B "C5'" 1 
ATOM   218 C  "C4'" . DA  B 2 2  ? 3.785   -1.416  15.277  1.00 24.49 ? 12  DA  B "C4'" 1 
ATOM   219 O  "O4'" . DA  B 2 2  ? 2.792   -2.330  14.720  1.00 24.23 ? 12  DA  B "O4'" 1 
ATOM   220 C  "C3'" . DA  B 2 2  ? 3.732   -0.188  14.347  1.00 24.71 ? 12  DA  B "C3'" 1 
ATOM   221 O  "O3'" . DA  B 2 2  ? 4.643   -0.310  13.266  1.00 26.68 ? 12  DA  B "O3'" 1 
ATOM   222 C  "C2'" . DA  B 2 2  ? 2.340   -0.274  13.709  1.00 24.10 ? 12  DA  B "C2'" 1 
ATOM   223 C  "C1'" . DA  B 2 2  ? 2.349   -1.796  13.478  1.00 22.56 ? 12  DA  B "C1'" 1 
ATOM   224 N  N9    . DA  B 2 2  ? 1.011   -2.331  13.168  1.00 20.36 ? 12  DA  B N9    1 
ATOM   225 C  C8    . DA  B 2 2  ? -0.210  -1.928  13.648  1.00 20.15 ? 12  DA  B C8    1 
ATOM   226 N  N7    . DA  B 2 2  ? -1.218  -2.601  13.189  1.00 20.06 ? 12  DA  B N7    1 
ATOM   227 C  C5    . DA  B 2 2  ? -0.589  -3.508  12.331  1.00 19.29 ? 12  DA  B C5    1 
ATOM   228 C  C6    . DA  B 2 2  ? -1.090  -4.526  11.501  1.00 18.12 ? 12  DA  B C6    1 
ATOM   229 N  N6    . DA  B 2 2  ? -2.390  -4.803  11.434  1.00 20.30 ? 12  DA  B N6    1 
ATOM   230 N  N1    . DA  B 2 2  ? -0.181  -5.195  10.794  1.00 18.38 ? 12  DA  B N1    1 
ATOM   231 C  C2    . DA  B 2 2  ? 1.129   -4.952  10.837  1.00 18.10 ? 12  DA  B C2    1 
ATOM   232 N  N3    . DA  B 2 2  ? 1.696   -4.020  11.597  1.00 19.47 ? 12  DA  B N3    1 
ATOM   233 C  C4    . DA  B 2 2  ? 0.754   -3.361  12.302  1.00 18.69 ? 12  DA  B C4    1 
ATOM   234 P  P     . DG  B 2 3  ? 5.654   0.905   12.924  1.00 28.36 ? 13  DG  B P     1 
ATOM   235 O  OP1   . DG  B 2 3  ? 6.674   1.214   13.960  1.00 27.65 ? 13  DG  B OP1   1 
ATOM   236 O  OP2   . DG  B 2 3  ? 4.738   2.009   12.571  1.00 29.12 ? 13  DG  B OP2   1 
ATOM   237 O  "O5'" . DG  B 2 3  ? 6.354   0.277   11.655  1.00 24.75 ? 13  DG  B "O5'" 1 
ATOM   238 C  "C5'" . DG  B 2 3  ? 7.087   -0.953  11.647  1.00 20.82 ? 13  DG  B "C5'" 1 
ATOM   239 C  "C4'" . DG  B 2 3  ? 7.006   -1.489  10.211  1.00 20.42 ? 13  DG  B "C4'" 1 
ATOM   240 O  "O4'" . DG  B 2 3  ? 5.669   -2.033  10.003  1.00 19.95 ? 13  DG  B "O4'" 1 
ATOM   241 C  "C3'" . DG  B 2 3  ? 7.232   -0.421  9.142   1.00 19.98 ? 13  DG  B "C3'" 1 
ATOM   242 O  "O3'" . DG  B 2 3  ? 8.037   -0.971  8.107   1.00 20.71 ? 13  DG  B "O3'" 1 
ATOM   243 C  "C2'" . DG  B 2 3  ? 5.836   -0.081  8.635   1.00 19.40 ? 13  DG  B "C2'" 1 
ATOM   244 C  "C1'" . DG  B 2 3  ? 5.063   -1.379  8.861   1.00 18.77 ? 13  DG  B "C1'" 1 
ATOM   245 N  N9    . DG  B 2 3  ? 3.620   -1.294  9.197   1.00 17.89 ? 13  DG  B N9    1 
ATOM   246 C  C8    . DG  B 2 3  ? 2.942   -0.487  10.074  1.00 15.62 ? 13  DG  B C8    1 
ATOM   247 N  N7    . DG  B 2 3  ? 1.647   -0.706  10.128  1.00 16.12 ? 13  DG  B N7    1 
ATOM   248 C  C5    . DG  B 2 3  ? 1.456   -1.720  9.204   1.00 14.93 ? 13  DG  B C5    1 
ATOM   249 C  C6    . DG  B 2 3  ? 0.247   -2.386  8.813   1.00 13.24 ? 13  DG  B C6    1 
ATOM   250 O  O6    . DG  B 2 3  ? -0.872  -2.162  9.246   1.00 15.00 ? 13  DG  B O6    1 
ATOM   251 N  N1    . DG  B 2 3  ? 0.507   -3.358  7.856   1.00 14.27 ? 13  DG  B N1    1 
ATOM   252 C  C2    . DG  B 2 3  ? 1.726   -3.674  7.317   1.00 14.15 ? 13  DG  B C2    1 
ATOM   253 N  N2    . DG  B 2 3  ? 1.801   -4.622  6.396   1.00 15.42 ? 13  DG  B N2    1 
ATOM   254 N  N3    . DG  B 2 3  ? 2.866   -3.057  7.698   1.00 15.98 ? 13  DG  B N3    1 
ATOM   255 C  C4    . DG  B 2 3  ? 2.633   -2.095  8.621   1.00 15.23 ? 13  DG  B C4    1 
ATOM   256 P  P     . DA  B 2 4  ? 8.497   -0.207  6.770   1.00 22.08 ? 14  DA  B P     1 
ATOM   257 O  OP1   . DA  B 2 4  ? 9.786   -0.798  6.417   1.00 23.51 ? 14  DA  B OP1   1 
ATOM   258 O  OP2   . DA  B 2 4  ? 8.180   1.166   7.142   1.00 21.20 ? 14  DA  B OP2   1 
ATOM   259 O  "O5'" . DA  B 2 4  ? 7.415   -0.592  5.633   1.00 18.23 ? 14  DA  B "O5'" 1 
ATOM   260 C  "C5'" . DA  B 2 4  ? 7.404   -1.972  5.230   1.00 17.21 ? 14  DA  B "C5'" 1 
ATOM   261 C  "C4'" . DA  B 2 4  ? 6.268   -2.124  4.249   1.00 15.82 ? 14  DA  B "C4'" 1 
ATOM   262 O  "O4'" . DA  B 2 4  ? 4.984   -1.970  4.889   1.00 15.40 ? 14  DA  B "O4'" 1 
ATOM   263 C  "C3'" . DA  B 2 4  ? 6.239   -1.090  3.099   1.00 14.44 ? 14  DA  B "C3'" 1 
ATOM   264 O  "O3'" . DA  B 2 4  ? 5.913   -1.814  1.927   1.00 14.60 ? 14  DA  B "O3'" 1 
ATOM   265 C  "C2'" . DA  B 2 4  ? 5.155   -0.108  3.480   1.00 13.94 ? 14  DA  B "C2'" 1 
ATOM   266 C  "C1'" . DA  B 2 4  ? 4.143   -1.070  4.153   1.00 14.21 ? 14  DA  B "C1'" 1 
ATOM   267 N  N9    . DA  B 2 4  ? 3.210   -0.433  5.091   1.00 13.04 ? 14  DA  B N9    1 
ATOM   268 C  C8    . DA  B 2 4  ? 3.449   0.556   6.017   1.00 12.47 ? 14  DA  B C8    1 
ATOM   269 N  N7    . DA  B 2 4  ? 2.411   0.891   6.713   1.00 12.67 ? 14  DA  B N7    1 
ATOM   270 C  C5    . DA  B 2 4  ? 1.406   0.063   6.217   1.00 12.10 ? 14  DA  B C5    1 
ATOM   271 C  C6    . DA  B 2 4  ? 0.041   -0.071  6.539   1.00 11.87 ? 14  DA  B C6    1 
ATOM   272 N  N6    . DA  B 2 4  ? -0.599  0.648   7.474   1.00 11.32 ? 14  DA  B N6    1 
ATOM   273 N  N1    . DA  B 2 4  ? -0.646  -0.991  5.838   1.00 11.91 ? 14  DA  B N1    1 
ATOM   274 C  C2    . DA  B 2 4  ? -0.063  -1.745  4.908   1.00 11.78 ? 14  DA  B C2    1 
ATOM   275 N  N3    . DA  B 2 4  ? 1.222   -1.698  4.543   1.00 12.46 ? 14  DA  B N3    1 
ATOM   276 C  C4    . DA  B 2 4  ? 1.882   -0.760  5.251   1.00 11.64 ? 14  DA  B C4    1 
ATOM   277 P  P     . DG  B 2 5  ? 6.769   -1.685  0.601   1.00 15.57 ? 15  DG  B P     1 
ATOM   278 O  OP1   . DG  B 2 5  ? 6.286   -2.822  -0.252  1.00 16.48 ? 15  DG  B OP1   1 
ATOM   279 O  OP2   . DG  B 2 5  ? 8.233   -1.552  0.825   1.00 15.57 ? 15  DG  B OP2   1 
ATOM   280 O  "O5'" . DG  B 2 5  ? 6.295   -0.315  -0.068  1.00 14.59 ? 15  DG  B "O5'" 1 
ATOM   281 C  "C5'" . DG  B 2 5  ? 4.868   -0.182  -0.372  1.00 13.31 ? 15  DG  B "C5'" 1 
ATOM   282 C  "C4'" . DG  B 2 5  ? 4.786   1.058   -1.256  1.00 11.82 ? 15  DG  B "C4'" 1 
ATOM   283 O  "O4'" . DG  B 2 5  ? 3.481   1.113   -1.883  1.00 11.92 ? 15  DG  B "O4'" 1 
ATOM   284 C  "C3'" . DG  B 2 5  ? 4.936   2.394   -0.485  1.00 11.11 ? 15  DG  B "C3'" 1 
ATOM   285 O  "O3'" . DG  B 2 5  ? 5.393   3.408   -1.396  1.00 12.14 ? 15  DG  B "O3'" 1 
ATOM   286 C  "C2'" . DG  B 2 5  ? 3.484   2.708   -0.150  1.00 11.29 ? 15  DG  B "C2'" 1 
ATOM   287 C  "C1'" . DG  B 2 5  ? 2.742   2.219   -1.413  1.00 11.44 ? 15  DG  B "C1'" 1 
ATOM   288 N  N9    . DG  B 2 5  ? 1.382   1.745   -1.029  1.00 10.23 ? 15  DG  B N9    1 
ATOM   289 C  C8    . DG  B 2 5  ? 0.925   0.480   -0.739  1.00 10.43 ? 15  DG  B C8    1 
ATOM   290 N  N7    . DG  B 2 5  ? -0.341  0.456   -0.349  1.00 11.24 ? 15  DG  B N7    1 
ATOM   291 C  C5    . DG  B 2 5  ? -0.721  1.786   -0.365  1.00 11.38 ? 15  DG  B C5    1 
ATOM   292 C  C6    . DG  B 2 5  ? -1.982  2.378   -0.056  1.00 12.61 ? 15  DG  B C6    1 
ATOM   293 O  O6    . DG  B 2 5  ? -3.006  1.813   0.323   1.00 12.89 ? 15  DG  B O6    1 
ATOM   294 N  N1    . DG  B 2 5  ? -1.928  3.765   -0.202  1.00 13.09 ? 15  DG  B N1    1 
ATOM   295 C  C2    . DG  B 2 5  ? -0.820  4.486   -0.616  1.00 14.26 ? 15  DG  B C2    1 
ATOM   296 N  N2    . DG  B 2 5  ? -0.973  5.807   -0.678  1.00 14.97 ? 15  DG  B N2    1 
ATOM   297 N  N3    . DG  B 2 5  ? 0.364   3.941   -0.933  1.00 12.52 ? 15  DG  B N3    1 
ATOM   298 C  C4    . DG  B 2 5  ? 0.322   2.593   -0.783  1.00 11.19 ? 15  DG  B C4    1 
ATOM   299 P  P     . DC  B 2 6  ? 6.374   4.529   -0.811  1.00 14.44 ? 16  DC  B P     1 
ATOM   300 O  OP1   . DC  B 2 6  ? 6.337   4.584   0.671   1.00 16.29 ? 16  DC  B OP1   1 
ATOM   301 O  OP2   . DC  B 2 6  ? 6.056   5.747   -1.594  1.00 16.53 ? 16  DC  B OP2   1 
ATOM   302 O  "O5'" . DC  B 2 6  ? 7.839   4.019   -1.221  1.00 12.89 ? 16  DC  B "O5'" 1 
ATOM   303 C  "C5'" . DC  B 2 6  ? 8.246   4.103   -2.609  1.00 14.43 ? 16  DC  B "C5'" 1 
ATOM   304 C  "C4'" . DC  B 2 6  ? 9.231   2.986   -2.893  1.00 15.17 ? 16  DC  B "C4'" 1 
ATOM   305 O  "O4'" . DC  B 2 6  ? 10.421  3.196   -2.061  1.00 14.14 ? 16  DC  B "O4'" 1 
ATOM   306 C  "C3'" . DC  B 2 6  ? 8.795   1.555   -2.571  1.00 15.90 ? 16  DC  B "C3'" 1 
ATOM   307 O  "O3'" . DC  B 2 6  ? 9.476   0.635   -3.409  1.00 18.28 ? 16  DC  B "O3'" 1 
ATOM   308 C  "C2'" . DC  B 2 6  ? 9.303   1.331   -1.135  1.00 14.17 ? 16  DC  B "C2'" 1 
ATOM   309 C  "C1'" . DC  B 2 6  ? 10.654  2.032   -1.265  1.00 13.49 ? 16  DC  B "C1'" 1 
ATOM   310 N  N1    . DC  B 2 6  ? 11.267  2.523   0.004   1.00 13.82 ? 16  DC  B N1    1 
ATOM   311 C  C2    . DC  B 2 6  ? 12.431  1.916   0.459   1.00 14.93 ? 16  DC  B C2    1 
ATOM   312 O  O2    . DC  B 2 6  ? 12.941  0.969   -0.166  1.00 16.46 ? 16  DC  B O2    1 
ATOM   313 N  N3    . DC  B 2 6  ? 13.028  2.373   1.597   1.00 13.49 ? 16  DC  B N3    1 
ATOM   314 C  C4    . DC  B 2 6  ? 12.479  3.399   2.262   1.00 13.40 ? 16  DC  B C4    1 
ATOM   315 N  N4    . DC  B 2 6  ? 13.109  3.836   3.357   1.00 13.18 ? 16  DC  B N4    1 
ATOM   316 C  C5    . DC  B 2 6  ? 11.275  4.042   1.814   1.00 12.60 ? 16  DC  B C5    1 
ATOM   317 C  C6    . DC  B 2 6  ? 10.702  3.564   0.671   1.00 12.78 ? 16  DC  B C6    1 
ATOM   318 P  P     . DG  B 2 7  ? 8.771   0.283   -4.826  1.00 19.63 ? 17  DG  B P     1 
ATOM   319 O  OP1   . DG  B 2 7  ? 9.746   -0.744  -5.240  1.00 19.72 ? 17  DG  B OP1   1 
ATOM   320 O  OP2   . DG  B 2 7  ? 8.466   1.417   -5.701  1.00 19.04 ? 17  DG  B OP2   1 
ATOM   321 O  "O5'" . DG  B 2 7  ? 7.421   -0.416  -4.362  1.00 17.88 ? 17  DG  B "O5'" 1 
ATOM   322 C  "C5'" . DG  B 2 7  ? 7.360   -1.412  -3.336  1.00 16.90 ? 17  DG  B "C5'" 1 
ATOM   323 C  "C4'" . DG  B 2 7  ? 6.107   -2.252  -3.485  1.00 15.93 ? 17  DG  B "C4'" 1 
ATOM   324 O  "O4'" . DG  B 2 7  ? 4.911   -1.446  -3.470  1.00 15.12 ? 17  DG  B "O4'" 1 
ATOM   325 C  "C3'" . DG  B 2 7  ? 6.029   -3.013  -4.839  1.00 14.77 ? 17  DG  B "C3'" 1 
ATOM   326 O  "O3'" . DG  B 2 7  ? 5.317   -4.200  -4.615  1.00 15.75 ? 17  DG  B "O3'" 1 
ATOM   327 C  "C2'" . DG  B 2 7  ? 5.252   -2.031  -5.731  1.00 14.28 ? 17  DG  B "C2'" 1 
ATOM   328 C  "C1'" . DG  B 2 7  ? 4.244   -1.438  -4.757  1.00 13.77 ? 17  DG  B "C1'" 1 
ATOM   329 N  N9    . DG  B 2 7  ? 3.915   -0.002  -4.940  1.00 13.47 ? 17  DG  B N9    1 
ATOM   330 C  C8    . DG  B 2 7  ? 4.730   1.064   -5.179  1.00 12.62 ? 17  DG  B C8    1 
ATOM   331 N  N7    . DG  B 2 7  ? 4.096   2.210   -5.176  1.00 12.79 ? 17  DG  B N7    1 
ATOM   332 C  C5    . DG  B 2 7  ? 2.774   1.876   -4.864  1.00 12.92 ? 17  DG  B C5    1 
ATOM   333 C  C6    . DG  B 2 7  ? 1.636   2.708   -4.696  1.00 13.14 ? 17  DG  B C6    1 
ATOM   334 O  O6    . DG  B 2 7  ? 1.588   3.927   -4.797  1.00 14.11 ? 17  DG  B O6    1 
ATOM   335 N  N1    . DG  B 2 7  ? 0.474   1.968   -4.395  1.00 13.05 ? 17  DG  B N1    1 
ATOM   336 C  C2    . DG  B 2 7  ? 0.477   0.589   -4.260  1.00 12.98 ? 17  DG  B C2    1 
ATOM   337 N  N2    . DG  B 2 7  ? -0.698  0.015   -3.950  1.00 13.98 ? 17  DG  B N2    1 
ATOM   338 N  N3    . DG  B 2 7  ? 1.550   -0.196  -4.404  1.00 13.31 ? 17  DG  B N3    1 
ATOM   339 C  C4    . DG  B 2 7  ? 2.658   0.525   -4.712  1.00 12.69 ? 17  DG  B C4    1 
ATOM   340 P  P     . DA  B 2 8  ? 5.317   -5.464  -5.649  1.00 16.94 ? 18  DA  B P     1 
ATOM   341 O  OP1   . DA  B 2 8  ? 4.756   -6.542  -4.872  1.00 16.53 ? 18  DA  B OP1   1 
ATOM   342 O  OP2   . DA  B 2 8  ? 6.591   -5.502  -6.372  1.00 17.97 ? 18  DA  B OP2   1 
ATOM   343 O  "O5'" . DA  B 2 8  ? 4.204   -4.930  -6.669  1.00 15.34 ? 18  DA  B "O5'" 1 
ATOM   344 C  "C5'" . DA  B 2 8  ? 2.810   -5.090  -6.336  1.00 14.33 ? 18  DA  B "C5'" 1 
ATOM   345 C  "C4'" . DA  B 2 8  ? 2.021   -4.362  -7.411  1.00 14.12 ? 18  DA  B "C4'" 1 
ATOM   346 O  "O4'" . DA  B 2 8  ? 2.133   -2.931  -7.204  1.00 13.26 ? 18  DA  B "O4'" 1 
ATOM   347 C  "C3'" . DA  B 2 8  ? 2.529   -4.617  -8.843  1.00 13.96 ? 18  DA  B "C3'" 1 
ATOM   348 O  "O3'" . DA  B 2 8  ? 1.399   -4.926  -9.676  1.00 13.57 ? 18  DA  B "O3'" 1 
ATOM   349 C  "C2'" . DA  B 2 8  ? 3.124   -3.267  -9.284  1.00 12.87 ? 18  DA  B "C2'" 1 
ATOM   350 C  "C1'" . DA  B 2 8  ? 2.185   -2.345  -8.492  1.00 13.59 ? 18  DA  B "C1'" 1 
ATOM   351 N  N9    . DA  B 2 8  ? 2.577   -0.924  -8.421  1.00 13.81 ? 18  DA  B N9    1 
ATOM   352 C  C8    . DA  B 2 8  ? 3.826   -0.350  -8.563  1.00 12.56 ? 18  DA  B C8    1 
ATOM   353 N  N7    . DA  B 2 8  ? 3.810   0.933   -8.488  1.00 13.53 ? 18  DA  B N7    1 
ATOM   354 C  C5    . DA  B 2 8  ? 2.467   1.257   -8.283  1.00 13.52 ? 18  DA  B C5    1 
ATOM   355 C  C6    . DA  B 2 8  ? 1.769   2.462   -8.114  1.00 13.79 ? 18  DA  B C6    1 
ATOM   356 N  N6    . DA  B 2 8  ? 2.339   3.675   -8.111  1.00 13.60 ? 18  DA  B N6    1 
ATOM   357 N  N1    . DA  B 2 8  ? 0.445   2.414   -7.913  1.00 14.03 ? 18  DA  B N1    1 
ATOM   358 C  C2    . DA  B 2 8  ? -0.172  1.217   -7.900  1.00 13.82 ? 18  DA  B C2    1 
ATOM   359 N  N3    . DA  B 2 8  ? 0.382   0.032   -8.042  1.00 13.58 ? 18  DA  B N3    1 
ATOM   360 C  C4    . DA  B 2 8  ? 1.711   0.119   -8.237  1.00 13.85 ? 18  DA  B C4    1 
ATOM   361 P  P     . DG  B 2 9  ? 1.691   -5.824  -10.973 1.00 14.70 ? 19  DG  B P     1 
ATOM   362 O  OP1   . DG  B 2 9  ? 0.327   -6.219  -11.415 1.00 14.87 ? 19  DG  B OP1   1 
ATOM   363 O  OP2   . DG  B 2 9  ? 2.666   -6.888  -10.667 1.00 13.67 ? 19  DG  B OP2   1 
ATOM   364 O  "O5'" . DG  B 2 9  ? 2.327   -4.834  -12.035 1.00 12.47 ? 19  DG  B "O5'" 1 
ATOM   365 C  "C5'" . DG  B 2 9  ? 1.593   -4.092  -13.005 1.00 12.02 ? 19  DG  B "C5'" 1 
ATOM   366 C  "C4'" . DG  B 2 9  ? 0.679   -3.091  -12.335 1.00 12.58 ? 19  DG  B "C4'" 1 
ATOM   367 O  "O4'" . DG  B 2 9  ? 1.474   -1.990  -11.795 1.00 12.60 ? 19  DG  B "O4'" 1 
ATOM   368 C  "C3'" . DG  B 2 9  ? -0.281  -2.400  -13.327 1.00 12.41 ? 19  DG  B "C3'" 1 
ATOM   369 O  "O3'" . DG  B 2 9  ? -1.497  -3.164  -13.308 1.00 12.27 ? 19  DG  B "O3'" 1 
ATOM   370 C  "C2'" . DG  B 2 9  ? -0.435  -0.988  -12.786 1.00 13.52 ? 19  DG  B "C2'" 1 
ATOM   371 C  "C1'" . DG  B 2 9  ? 0.581   -0.903  -11.642 1.00 13.15 ? 19  DG  B "C1'" 1 
ATOM   372 N  N9    . DG  B 2 9  ? 1.398   0.343   -11.673 1.00 12.57 ? 19  DG  B N9    1 
ATOM   373 C  C8    . DG  B 2 9  ? 2.761   0.473   -11.851 1.00 12.69 ? 19  DG  B C8    1 
ATOM   374 N  N7    . DG  B 2 9  ? 3.151   1.725   -11.826 1.00 12.54 ? 19  DG  B N7    1 
ATOM   375 C  C5    . DG  B 2 9  ? 1.982   2.462   -11.620 1.00 12.63 ? 19  DG  B C5    1 
ATOM   376 C  C6    . DG  B 2 9  ? 1.769   3.855   -11.491 1.00 11.62 ? 19  DG  B C6    1 
ATOM   377 O  O6    . DG  B 2 9  ? 2.594   4.781   -11.534 1.00 11.56 ? 19  DG  B O6    1 
ATOM   378 N  N1    . DG  B 2 9  ? 0.407   4.171   -11.289 1.00 11.75 ? 19  DG  B N1    1 
ATOM   379 C  C2    . DG  B 2 9  ? -0.611  3.236   -11.210 1.00 11.34 ? 19  DG  B C2    1 
ATOM   380 N  N2    . DG  B 2 9  ? -1.857  3.688   -11.012 1.00 11.99 ? 19  DG  B N2    1 
ATOM   381 N  N3    . DG  B 2 9  ? -0.400  1.923   -11.308 1.00 12.20 ? 19  DG  B N3    1 
ATOM   382 C  C4    . DG  B 2 9  ? 0.900   1.604   -11.524 1.00 12.19 ? 19  DG  B C4    1 
ATOM   383 P  P     . DG  B 2 10 ? -2.502  -2.985  -14.540 1.00 12.88 ? 20  DG  B P     1 
ATOM   384 O  OP1   . DG  B 2 10 ? -3.494  -4.060  -14.307 1.00 13.47 ? 20  DG  B OP1   1 
ATOM   385 O  OP2   . DG  B 2 10 ? -1.694  -3.056  -15.782 1.00 11.33 ? 20  DG  B OP2   1 
ATOM   386 O  "O5'" . DG  B 2 10 ? -3.132  -1.558  -14.385 1.00 12.60 ? 20  DG  B "O5'" 1 
ATOM   387 C  "C5'" . DG  B 2 10 ? -4.124  -1.271  -13.389 1.00 13.64 ? 20  DG  B "C5'" 1 
ATOM   388 C  "C4'" . DG  B 2 10 ? -4.752  0.064   -13.721 1.00 13.69 ? 20  DG  B "C4'" 1 
ATOM   389 O  "O4'" . DG  B 2 10 ? -3.747  1.116   -13.580 1.00 13.99 ? 20  DG  B "O4'" 1 
ATOM   390 C  "C3'" . DG  B 2 10 ? -5.269  0.152   -15.165 1.00 14.41 ? 20  DG  B "C3'" 1 
ATOM   391 O  "O3'" . DG  B 2 10 ? -6.489  0.875   -15.184 1.00 16.44 ? 20  DG  B "O3'" 1 
ATOM   392 C  "C2'" . DG  B 2 10 ? -4.162  0.916   -15.896 1.00 13.22 ? 20  DG  B "C2'" 1 
ATOM   393 C  "C1'" . DG  B 2 10 ? -3.731  1.881   -14.793 1.00 12.82 ? 20  DG  B "C1'" 1 
ATOM   394 N  N9    . DG  B 2 10 ? -2.337  2.386   -14.881 1.00 11.36 ? 20  DG  B N9    1 
ATOM   395 C  C8    . DG  B 2 10 ? -1.149  1.695   -15.076 1.00 11.37 ? 20  DG  B C8    1 
ATOM   396 N  N7    . DG  B 2 10 ? -0.076  2.462   -15.047 1.00 11.00 ? 20  DG  B N7    1 
ATOM   397 C  C5    . DG  B 2 10 ? -0.594  3.731   -14.808 1.00 10.72 ? 20  DG  B C5    1 
ATOM   398 C  C6    . DG  B 2 10 ? 0.050   4.986   -14.686 1.00 10.12 ? 20  DG  B C6    1 
ATOM   399 O  O6    . DG  B 2 10 ? 1.244   5.238   -14.721 1.00 10.09 ? 20  DG  B O6    1 
ATOM   400 N  N1    . DG  B 2 10 ? -0.838  6.041   -14.440 1.00 10.53 ? 20  DG  B N1    1 
ATOM   401 C  C2    . DG  B 2 10 ? -2.207  5.891   -14.343 1.00 11.19 ? 20  DG  B C2    1 
ATOM   402 N  N2    . DG  B 2 10 ? -2.901  7.006   -14.114 1.00 12.82 ? 20  DG  B N2    1 
ATOM   403 N  N3    . DG  B 2 10 ? -2.824  4.715   -14.480 1.00 10.60 ? 20  DG  B N3    1 
ATOM   404 C  C4    . DG  B 2 10 ? -1.967  3.692   -14.683 1.00 10.60 ? 20  DG  B C4    1 
HETATM 405 PT PT1   . CPT C 3 .  ? -1.069  -1.166  0.545   1.00 15.31 ? 221 CPT A PT1   1 
HETATM 406 N  N1    . CPT C 3 .  ? -1.842  -2.683  1.492   1.00 12.17 ? 221 CPT A N1    1 
HETATM 407 N  N2    . CPT C 3 .  ? -0.964  -2.472  -1.101  1.00 9.10  ? 221 CPT A N2    1 
HETATM 408 C  C3    . SPM D 4 .  ? 8.260   5.824   -9.570  1.00 35.53 ? 222 SPM B C3    1 
HETATM 409 C  C4    . SPM D 4 .  ? 9.762   5.453   -9.175  1.00 35.49 ? 222 SPM B C4    1 
HETATM 410 N  N5    . SPM D 4 .  ? 9.682   4.488   -7.959  1.00 35.48 ? 222 SPM B N5    1 
HETATM 411 C  C6    . SPM D 4 .  ? 11.192  4.333   -7.473  1.00 35.51 ? 222 SPM B C6    1 
HETATM 412 C  C7    . SPM D 4 .  ? 11.196  3.225   -6.432  1.00 35.48 ? 222 SPM B C7    1 
HETATM 413 C  C8    . SPM D 4 .  ? 12.636  2.754   -6.115  1.00 35.47 ? 222 SPM B C8    1 
HETATM 414 C  C9    . SPM D 4 .  ? 12.658  2.216   -4.689  1.00 35.01 ? 222 SPM B C9    1 
HETATM 415 N  N10   . SPM D 4 .  ? 14.000  1.410   -4.577  1.00 35.15 ? 222 SPM B N10   1 
HETATM 416 C  C11   . SPM D 4 .  ? 13.853  0.439   -3.359  1.00 35.17 ? 222 SPM B C11   1 
HETATM 417 C  C12   . SPM D 4 .  ? 15.370  -0.057  -3.064  1.00 35.31 ? 222 SPM B C12   1 
HETATM 418 C  C13   . SPM D 4 .  ? 16.014  1.125   -2.281  1.00 36.05 ? 222 SPM B C13   1 
HETATM 419 N  N14   . SPM D 4 .  ? 15.790  1.098   -0.794  1.00 35.08 ? 222 SPM B N14   1 
HETATM 420 O  O     . HOH E 5 .  ? -6.105  -3.690  9.422   1.00 14.87 ? 222 HOH A O     1 
HETATM 421 O  O     . HOH E 5 .  ? -10.930 3.922   -1.057  1.00 13.96 ? 223 HOH A O     1 
HETATM 422 O  O     . HOH E 5 .  ? -10.774 6.517   -1.582  1.00 17.76 ? 224 HOH A O     1 
HETATM 423 O  O     . HOH E 5 .  ? -8.242  -3.537  7.834   1.00 16.01 ? 225 HOH A O     1 
HETATM 424 O  O     . HOH E 5 .  ? 3.913   3.307   3.675   1.00 17.08 ? 226 HOH A O     1 
HETATM 425 O  O     . HOH E 5 .  ? -14.133 -1.746  4.448   1.00 19.88 ? 227 HOH A O     1 
HETATM 426 O  O     . HOH E 5 .  ? -10.479 -1.257  9.572   1.00 18.63 ? 228 HOH A O     1 
HETATM 427 O  O     . HOH E 5 .  ? -8.434  5.606   2.402   1.00 18.66 ? 229 HOH A O     1 
HETATM 428 O  O     . HOH E 5 .  ? -5.081  5.692   -11.154 1.00 17.07 ? 230 HOH A O     1 
HETATM 429 O  O     . HOH E 5 .  ? -6.535  -7.836  5.486   1.00 19.98 ? 231 HOH A O     1 
HETATM 430 O  O     . HOH E 5 .  ? -11.819 -4.278  3.564   1.00 22.90 ? 232 HOH A O     1 
HETATM 431 O  O     . HOH E 5 .  ? -5.005  -2.009  0.940   1.00 19.61 ? 233 HOH A O     1 
HETATM 432 O  O     . HOH E 5 .  ? 6.182   -15.228 7.288   1.00 22.76 ? 234 HOH A O     1 
HETATM 433 O  O     . HOH E 5 .  ? -3.050  -1.684  -3.009  1.00 20.76 ? 235 HOH A O     1 
HETATM 434 O  O     . HOH E 5 .  ? 5.516   8.584   -14.006 1.00 24.49 ? 236 HOH A O     1 
HETATM 435 O  O     . HOH E 5 .  ? 2.268   -2.326  1.207   1.00 19.96 ? 237 HOH A O     1 
HETATM 436 O  O     . HOH E 5 .  ? -3.966  9.012   -4.404  1.00 27.18 ? 238 HOH A O     1 
HETATM 437 O  O     . HOH E 5 .  ? -8.200  -5.347  -0.876  1.00 28.42 ? 239 HOH A O     1 
HETATM 438 O  O     . HOH E 5 .  ? -3.078  -11.212 5.063   1.00 25.56 ? 240 HOH A O     1 
HETATM 439 O  O     . HOH E 5 .  ? -2.033  3.746   7.014   1.00 24.46 ? 241 HOH A O     1 
HETATM 440 O  O     . HOH E 5 .  ? -3.490  -11.723 10.222  1.00 24.68 ? 242 HOH A O     1 
HETATM 441 O  O     . HOH E 5 .  ? 3.920   -6.953  7.665   1.00 28.92 ? 243 HOH A O     1 
HETATM 442 O  O     . HOH E 5 .  ? -0.545  8.489   -3.747  1.00 29.81 ? 244 HOH A O     1 
HETATM 443 O  O     . HOH E 5 .  ? -5.556  -6.385  10.058  1.00 25.55 ? 245 HOH A O     1 
HETATM 444 O  O     . HOH E 5 .  ? -2.103  12.134  -6.200  1.00 29.63 ? 246 HOH A O     1 
HETATM 445 O  O     . HOH E 5 .  ? -10.206 10.219  5.123   1.00 26.11 ? 247 HOH A O     1 
HETATM 446 O  O     . HOH E 5 .  ? -7.154  -9.460  0.316   1.00 26.56 ? 248 HOH A O     1 
HETATM 447 O  O     . HOH E 5 .  ? -3.325  -4.145  -0.859  1.00 25.47 ? 249 HOH A O     1 
HETATM 448 O  O     . HOH E 5 .  ? 2.241   7.695   -6.953  1.00 28.26 ? 250 HOH A O     1 
HETATM 449 O  O     . HOH E 5 .  ? -5.957  -10.451 5.124   1.00 26.46 ? 251 HOH A O     1 
HETATM 450 O  O     . HOH E 5 .  ? -0.143  11.757  -8.023  1.00 34.34 ? 252 HOH A O     1 
HETATM 451 O  O     . HOH E 5 .  ? 2.171   14.133  -9.877  1.00 31.09 ? 253 HOH A O     1 
HETATM 452 O  O     . HOH E 5 .  ? -6.160  6.628   1.215   1.00 28.46 ? 254 HOH A O     1 
HETATM 453 O  O     . HOH E 5 .  ? -6.267  -1.992  11.506  1.00 28.01 ? 255 HOH A O     1 
HETATM 454 O  O     . HOH E 5 .  ? -10.468 -6.405  5.122   1.00 31.34 ? 256 HOH A O     1 
HETATM 455 O  O     . HOH E 5 .  ? -8.478  5.398   9.471   1.00 31.29 ? 257 HOH A O     1 
HETATM 456 O  O     . HOH E 5 .  ? -5.888  -10.940 1.979   1.00 29.46 ? 258 HOH A O     1 
HETATM 457 O  O     . HOH E 5 .  ? -0.400  -5.257  -0.177  1.00 42.19 ? 259 HOH A O     1 
HETATM 458 O  O     . HOH E 5 .  ? 2.106   10.459  -7.500  1.00 41.54 ? 260 HOH A O     1 
HETATM 459 O  O     . HOH E 5 .  ? 5.294   -8.247  11.940  1.00 45.85 ? 261 HOH A O     1 
HETATM 460 O  O     . HOH E 5 .  ? -5.855  7.774   -0.933  1.00 36.87 ? 262 HOH A O     1 
HETATM 461 O  O     . HOH E 5 .  ? 0.700   -4.146  2.521   1.00 32.27 ? 263 HOH A O     1 
HETATM 462 O  O     . HOH E 5 .  ? -9.151  -1.033  -0.760  1.00 35.70 ? 264 HOH A O     1 
HETATM 463 O  O     . HOH E 5 .  ? 5.355   -15.273 4.663   1.00 39.58 ? 265 HOH A O     1 
HETATM 464 O  O     . HOH E 5 .  ? -2.755  6.266   6.097   1.00 42.76 ? 266 HOH A O     1 
HETATM 465 O  O     . HOH E 5 .  ? 6.698   -8.279  6.543   1.00 49.65 ? 267 HOH A O     1 
HETATM 466 O  O     . HOH E 5 .  ? -7.521  -7.695  8.277   1.00 34.65 ? 268 HOH A O     1 
HETATM 467 O  O     . HOH E 5 .  ? 2.178   -16.709 5.010   1.00 39.60 ? 269 HOH A O     1 
HETATM 468 O  O     . HOH E 5 .  ? -3.786  2.602   9.006   1.00 52.89 ? 270 HOH A O     1 
HETATM 469 O  O     . HOH E 5 .  ? -4.660  1.062   -6.507  1.00 46.75 ? 271 HOH A O     1 
HETATM 470 O  O     . HOH E 5 .  ? 1.281   -6.072  3.144   1.00 35.17 ? 272 HOH A O     1 
HETATM 471 O  O     . HOH E 5 .  ? -0.381  11.005  -4.277  1.00 40.46 ? 273 HOH A O     1 
HETATM 472 O  O     . HOH E 5 .  ? -6.660  -12.108 7.334   1.00 46.35 ? 274 HOH A O     1 
HETATM 473 O  O     . HOH E 5 .  ? -6.531  -10.919 9.639   1.00 49.93 ? 275 HOH A O     1 
HETATM 474 O  O     . HOH F 5 .  ? -5.952  -4.002  -15.502 1.00 18.73 ? 223 HOH B O     1 
HETATM 475 O  O     . HOH F 5 .  ? -2.529  0.194   -10.171 1.00 17.96 ? 224 HOH B O     1 
HETATM 476 O  O     . HOH F 5 .  ? -5.783  6.879   -13.519 1.00 16.09 ? 225 HOH B O     1 
HETATM 477 O  O     . HOH F 5 .  ? 7.712   8.067   -1.289  1.00 16.43 ? 226 HOH B O     1 
HETATM 478 O  O     . HOH F 5 .  ? 7.350   2.506   2.450   1.00 18.61 ? 227 HOH B O     1 
HETATM 479 O  O     . HOH F 5 .  ? -4.421  -0.197  -0.942  1.00 16.63 ? 228 HOH B O     1 
HETATM 480 O  O     . HOH F 5 .  ? -3.790  5.566   1.086   1.00 19.92 ? 229 HOH B O     1 
HETATM 481 O  O     . HOH F 5 .  ? 7.274   6.395   2.441   1.00 20.09 ? 230 HOH B O     1 
HETATM 482 O  O     . HOH F 5 .  ? 9.435   0.632   2.179   1.00 18.26 ? 231 HOH B O     1 
HETATM 483 O  O     . HOH F 5 .  ? 5.756   2.513   -11.480 1.00 20.04 ? 232 HOH B O     1 
HETATM 484 O  O     . HOH F 5 .  ? 1.666   -2.308  -2.564  1.00 22.59 ? 233 HOH B O     1 
HETATM 485 O  O     . HOH F 5 .  ? -0.404  -7.424  -13.792 1.00 27.69 ? 234 HOH B O     1 
HETATM 486 O  O     . HOH F 5 .  ? -1.211  -2.186  -7.086  1.00 21.26 ? 235 HOH B O     1 
HETATM 487 O  O     . HOH F 5 .  ? 6.392   2.837   5.051   1.00 23.74 ? 236 HOH B O     1 
HETATM 488 O  O     . HOH F 5 .  ? -6.381  9.631   -13.554 1.00 16.24 ? 237 HOH B O     1 
HETATM 489 O  O     . HOH F 5 .  ? -4.593  2.562   -11.197 1.00 24.54 ? 238 HOH B O     1 
HETATM 490 O  O     . HOH F 5 .  ? 3.993   5.511   2.208   1.00 25.15 ? 239 HOH B O     1 
HETATM 491 O  O     . HOH F 5 .  ? 15.240  0.909   2.303   1.00 23.34 ? 240 HOH B O     1 
HETATM 492 O  O     . HOH F 5 .  ? 5.655   3.000   -8.729  1.00 25.50 ? 241 HOH B O     1 
HETATM 493 O  O     . HOH F 5 .  ? -0.634  1.065   15.458  1.00 24.32 ? 242 HOH B O     1 
HETATM 494 O  O     . HOH F 5 .  ? 4.679   -4.908  14.277  1.00 28.94 ? 243 HOH B O     1 
HETATM 495 O  O     . HOH F 5 .  ? -2.932  -0.609  10.766  1.00 31.01 ? 244 HOH B O     1 
HETATM 496 O  O     . HOH F 5 .  ? 2.652   2.946   8.536   1.00 28.36 ? 245 HOH B O     1 
HETATM 497 O  O     . HOH F 5 .  ? -2.829  -6.987  -14.426 1.00 26.75 ? 246 HOH B O     1 
HETATM 498 O  O     . HOH F 5 .  ? 11.020  0.140   3.992   1.00 30.71 ? 247 HOH B O     1 
HETATM 499 O  O     . HOH F 5 .  ? 2.238   -8.414  -8.432  1.00 30.84 ? 248 HOH B O     1 
HETATM 500 O  O     . HOH F 5 .  ? 6.759   -4.438  -9.044  1.00 31.49 ? 249 HOH B O     1 
HETATM 501 O  O     . HOH F 5 .  ? 9.612   -3.288  2.561   1.00 29.90 ? 250 HOH B O     1 
HETATM 502 O  O     . HOH F 5 .  ? 7.336   -5.243  -1.125  1.00 35.71 ? 251 HOH B O     1 
HETATM 503 O  O     . HOH F 5 .  ? 5.136   5.460   -10.884 1.00 35.04 ? 252 HOH B O     1 
HETATM 504 O  O     . HOH F 5 .  ? 6.137   10.255  -1.731  1.00 30.88 ? 253 HOH B O     1 
HETATM 505 O  O     . HOH F 5 .  ? -2.893  8.342   -0.480  1.00 30.67 ? 254 HOH B O     1 
HETATM 506 O  O     . HOH F 5 .  ? 4.387   -4.145  11.485  1.00 30.69 ? 255 HOH B O     1 
HETATM 507 O  O     . HOH F 5 .  ? -6.528  -0.734  -2.424  1.00 32.60 ? 256 HOH B O     1 
HETATM 508 O  O     . HOH F 5 .  ? 2.828   1.993   21.173  1.00 30.53 ? 257 HOH B O     1 
HETATM 509 O  O     . HOH F 5 .  ? -0.322  -3.117  -4.599  1.00 30.09 ? 258 HOH B O     1 
HETATM 510 O  O     . HOH F 5 .  ? 5.136   -4.810  7.545   1.00 30.98 ? 259 HOH B O     1 
HETATM 511 O  O     . HOH F 5 .  ? -4.642  -4.059  13.280  1.00 34.93 ? 260 HOH B O     1 
HETATM 512 O  O     . HOH F 5 .  ? -2.021  -5.330  -10.195 1.00 38.58 ? 261 HOH B O     1 
HETATM 513 O  O     . HOH F 5 .  ? -7.721  -2.712  -13.370 1.00 32.36 ? 262 HOH B O     1 
HETATM 514 O  O     . HOH F 5 .  ? 16.318  3.377   -4.922  1.00 39.13 ? 263 HOH B O     1 
HETATM 515 O  O     . HOH F 5 .  ? -0.077  0.842   11.246  1.00 34.81 ? 264 HOH B O     1 
HETATM 516 O  O     . HOH F 5 .  ? 6.871   -1.555  -9.126  1.00 33.64 ? 265 HOH B O     1 
HETATM 517 O  O     . HOH F 5 .  ? 6.193   -8.507  -9.226  1.00 39.20 ? 266 HOH B O     1 
HETATM 518 O  O     . HOH F 5 .  ? 8.945   -5.257  -5.090  1.00 39.23 ? 267 HOH B O     1 
HETATM 519 O  O     . HOH F 5 .  ? -4.768  -7.513  13.660  1.00 44.31 ? 268 HOH B O     1 
HETATM 520 O  O     . HOH F 5 .  ? 7.725   3.332   -6.708  1.00 47.13 ? 269 HOH B O     1 
HETATM 521 O  O     . HOH F 5 .  ? -7.084  2.909   -13.413 1.00 37.23 ? 270 HOH B O     1 
HETATM 522 O  O     . HOH F 5 .  ? -5.220  -6.265  15.686  1.00 40.71 ? 271 HOH B O     1 
HETATM 523 O  O     . HOH F 5 .  ? 3.275   -8.479  -12.735 1.00 19.34 ? 272 HOH B O     1 
HETATM 524 O  O     . HOH F 5 .  ? -3.349  -6.527  19.989  1.00 29.11 ? 273 HOH B O     1 
HETATM 525 O  O     . HOH F 5 .  ? 4.578   2.235   17.477  1.00 33.01 ? 274 HOH B O     1 
HETATM 526 O  O     . HOH F 5 .  ? -1.793  -2.442  -9.635  1.00 34.53 ? 275 HOH B O     1 
HETATM 527 O  O     . HOH F 5 .  ? 3.913   6.998   0.033   1.00 34.34 ? 276 HOH B O     1 
HETATM 528 O  O     . HOH F 5 .  ? 0.366   -5.131  -3.566  1.00 35.31 ? 277 HOH B O     1 
HETATM 529 O  O     . HOH F 5 .  ? 12.239  -1.615  -1.229  1.00 35.32 ? 278 HOH B O     1 
HETATM 530 O  O     . HOH F 5 .  ? -8.454  -1.006  -17.191 1.00 44.99 ? 279 HOH B O     1 
HETATM 531 O  O     . HOH F 5 .  ? -4.332  -4.747  -11.600 1.00 34.22 ? 280 HOH B O     1 
HETATM 532 O  O     . HOH F 5 .  ? 5.940   6.460   -4.176  1.00 31.90 ? 281 HOH B O     1 
HETATM 533 O  O     . HOH F 5 .  ? 5.500   4.351   -6.122  1.00 46.28 ? 282 HOH B O     1 
HETATM 534 O  O     . HOH F 5 .  ? 1.461   7.324   -1.635  1.00 30.22 ? 283 HOH B O     1 
HETATM 535 O  O     . HOH F 5 .  ? -4.282  -2.447  17.789  1.00 40.62 ? 284 HOH B O     1 
HETATM 536 O  O     . HOH F 5 .  ? 4.398   9.496   -3.436  1.00 36.20 ? 285 HOH B O     1 
HETATM 537 O  O     . HOH F 5 .  ? 18.878  0.992   0.358   1.00 50.17 ? 286 HOH B O     1 
HETATM 538 O  O     . HOH F 5 .  ? 3.540   -3.602  -0.546  1.00 37.72 ? 287 HOH B O     1 
HETATM 539 O  O     . HOH F 5 .  ? 4.163   -8.730  -6.516  1.00 41.38 ? 288 HOH B O     1 
HETATM 540 O  O     . HOH F 5 .  ? 1.021   -10.530 -13.361 1.00 52.96 ? 289 HOH B O     1 
HETATM 541 O  O     . HOH F 5 .  ? 3.004   6.219   -4.718  1.00 39.14 ? 290 HOH B O     1 
HETATM 542 O  O     . HOH F 5 .  ? -5.696  -2.243  -10.101 1.00 48.59 ? 291 HOH B O     1 
HETATM 543 O  O     . HOH F 5 .  ? 2.573   -6.752  -3.144  1.00 44.15 ? 292 HOH B O     1 
HETATM 544 O  O     . HOH F 5 .  ? -2.426  -1.543  -17.907 1.00 12.71 ? 293 HOH B O     1 
HETATM 545 O  O     . HOH F 5 .  ? -3.407  -1.385  -5.882  1.00 34.35 ? 294 HOH B O     1 
HETATM 546 O  O     . HOH F 5 .  ? -7.292  1.943   -17.676 1.00 35.55 ? 295 HOH B O     1 
HETATM 547 O  O     . HOH F 5 .  ? 4.076   -4.860  4.482   1.00 38.26 ? 296 HOH B O     1 
HETATM 548 O  O     . HOH F 5 .  ? 0.113   3.040   9.222   1.00 37.66 ? 297 HOH B O     1 
HETATM 549 O  O     . HOH F 5 .  ? -0.196  -7.337  -6.833  1.00 39.80 ? 298 HOH B O     1 
HETATM 550 O  O     . HOH F 5 .  ? -4.275  -2.036  15.010  1.00 48.50 ? 299 HOH B O     1 
HETATM 551 O  O     . HOH F 5 .  ? 1.131   1.010   22.713  1.00 46.71 ? 300 HOH B O     1 
HETATM 552 O  O     . HOH F 5 .  ? 10.099  -3.174  -6.664  1.00 48.42 ? 301 HOH B O     1 
HETATM 553 O  O     . HOH F 5 .  ? 4.798   3.542   10.066  1.00 46.51 ? 302 HOH B O     1 
HETATM 554 O  O     . HOH F 5 .  ? 11.294  -2.211  -3.530  1.00 37.72 ? 303 HOH B O     1 
# 
